data_6X06
#
_entry.id   6X06
#
_cell.length_a   193.170
_cell.length_b   193.170
_cell.length_c   78.144
_cell.angle_alpha   90.000
_cell.angle_beta   90.000
_cell.angle_gamma   120.000
#
_symmetry.space_group_name_H-M   'P 61'
#
loop_
_entity.id
_entity.type
_entity.pdbx_description
1 polymer 'Nucleoporin NUP120'
2 polymer VHH-SAN11
#
loop_
_entity_poly.entity_id
_entity_poly.type
_entity_poly.pdbx_seq_one_letter_code
_entity_poly.pdbx_strand_id
1 'polypeptide(L)'
;SMACLSRIDANLLQYYEKPEPNNTVDLYVSNNSNNNGLKEGDKSISTPVPQPYGSEYSNCLLLSNSEYICYHFSSRSTLL
TFYPLSDAYHGKTINIHLPNASMNQRYTLTIQEVEQQLLVNVILKDGSFLTLQLPLSFLFSSANTLNGEWFHLQNPYDFT
VRVPHFLFYVSPQFSVVFLEDGGLLGLKKVDGVHYEPLLFNDNSYLKSLTRFFSRSSKSDYDSVISCKLFHERYLIVLTQ
NCHLKIWDLTSFTLIQDYDMVSQSDSDPSHFRKVEAVGEYLSLYNNTLVTLLPLENGLFQMGTLLVDSSGILTYTFQNNI
PTNLSASAIWSIVDLVLTRPLELNVEASYLNLIVLWKSGTASKLQILNVNDESFKNYEWIESVNKSLVDLQSEHDLDIVT
KTGDVERGFCNLKSRYGTQIFERAQQILSENKIIMAHNEDEEYLANLETILRDVKTAFNEASSITLYGDEIILVNCFQPY
NHSLYKLNTTVENWFYNMHSETDGSELFKYLRTLNGFASTLSNDVLRSISKKFLDIITGELPDSMTTVEKFTDIFKNCLE
NQFEITNLKILFDELNSFDIPVVLNDLINNQMKPGIFWKKDFISAIKFDGFTSIISLESLHQLLSIHYRITLQVLLTFVL
FDLDTEIFGQHISTLLDLHYKQFLLLNLYRQDKCLLAEVLLKDSSEFSFGVKFFNYGQLIAYIDSLNSNVYNASITENSF
FMTFFRSYIIENTSHKNIRFFLENVECPFYLRHNEVQE
;
A
2 'polypeptide(L)'
;QVQLVETGGGLVRAGGSLRLSCVDSGRTFRVYTMGWFRQAPGKEREFVAAIRWSGDRTYYGDPVQGRFTISRDKGKNTVY
LQMNSLKPEDTAVYYCAAPAGGGVVYDDHKAYAYWGQGTQVTVS
;
K
#
# COMPACT_ATOMS: atom_id res chain seq x y z
N MET A 2 14.18 -15.84 11.31
CA MET A 2 13.01 -15.28 11.97
C MET A 2 12.74 -13.86 11.47
N ALA A 3 11.48 -13.57 11.18
CA ALA A 3 11.07 -12.25 10.71
C ALA A 3 10.88 -11.33 11.90
N CYS A 4 11.61 -10.22 11.92
CA CYS A 4 11.58 -9.28 13.04
C CYS A 4 11.02 -7.92 12.66
N LEU A 5 10.62 -7.70 11.41
CA LEU A 5 10.12 -6.42 10.94
C LEU A 5 8.79 -6.61 10.23
N SER A 6 7.85 -5.70 10.51
CA SER A 6 6.53 -5.72 9.88
C SER A 6 6.45 -4.61 8.83
N ARG A 7 5.78 -4.91 7.73
CA ARG A 7 5.58 -3.94 6.66
C ARG A 7 4.36 -3.08 6.99
N ILE A 8 4.50 -1.77 6.82
CA ILE A 8 3.43 -0.81 7.10
C ILE A 8 3.24 0.02 5.84
N ASP A 9 2.21 -0.30 5.06
CA ASP A 9 1.94 0.42 3.82
C ASP A 9 1.33 1.78 4.14
N ALA A 10 1.93 2.84 3.59
CA ALA A 10 1.52 4.21 3.87
C ALA A 10 1.10 4.88 2.57
N ASN A 11 -0.21 5.05 2.39
CA ASN A 11 -0.76 5.82 1.27
C ASN A 11 -1.07 7.22 1.78
N LEU A 12 -0.28 8.20 1.35
CA LEU A 12 -0.37 9.55 1.89
C LEU A 12 -1.70 10.24 1.57
N LEU A 13 -2.54 9.64 0.72
CA LEU A 13 -3.83 10.22 0.35
C LEU A 13 -5.00 9.35 0.78
N GLN A 14 -4.80 8.49 1.78
CA GLN A 14 -5.82 7.50 2.13
C GLN A 14 -6.96 8.12 2.94
N TYR A 15 -6.65 9.00 3.88
CA TYR A 15 -7.67 9.52 4.78
C TYR A 15 -8.59 10.53 4.11
N TYR A 16 -8.21 11.06 2.94
CA TYR A 16 -8.99 12.05 2.22
C TYR A 16 -9.65 11.40 1.01
N GLU A 17 -10.89 11.81 0.72
CA GLU A 17 -11.69 11.23 -0.35
C GLU A 17 -11.58 12.02 -1.65
N LYS A 18 -10.40 12.55 -1.96
CA LYS A 18 -10.21 13.37 -3.15
C LYS A 18 -8.73 13.40 -3.51
N PRO A 19 -8.24 12.34 -4.16
CA PRO A 19 -6.92 12.35 -4.76
C PRO A 19 -6.99 12.83 -6.20
N GLU A 20 -5.92 13.45 -6.68
CA GLU A 20 -4.68 13.67 -5.95
C GLU A 20 -4.80 14.96 -5.09
N PRO A 21 -3.72 15.39 -4.42
CA PRO A 21 -3.79 16.65 -3.67
C PRO A 21 -4.40 17.79 -4.47
N ASN A 22 -5.02 18.72 -3.75
CA ASN A 22 -5.78 19.81 -4.38
C ASN A 22 -4.88 20.79 -5.11
N ASN A 23 -3.64 20.97 -4.67
CA ASN A 23 -2.71 21.93 -5.25
C ASN A 23 -1.59 21.18 -5.95
N THR A 24 -1.56 21.26 -7.29
CA THR A 24 -0.51 20.66 -8.10
C THR A 24 0.03 21.71 -9.06
N VAL A 25 1.34 21.79 -9.16
CA VAL A 25 2.01 22.79 -9.99
C VAL A 25 2.71 22.08 -11.13
N ASP A 26 2.37 22.46 -12.36
CA ASP A 26 2.99 21.91 -13.56
C ASP A 26 3.96 22.94 -14.13
N LEU A 27 5.23 22.56 -14.28
CA LEU A 27 6.26 23.44 -14.80
C LEU A 27 6.83 22.83 -16.07
N TYR A 28 6.70 23.54 -17.18
CA TYR A 28 7.23 23.11 -18.46
C TYR A 28 8.54 23.84 -18.76
N VAL A 29 9.31 23.28 -19.70
CA VAL A 29 10.68 23.73 -19.92
C VAL A 29 11.06 23.73 -21.40
N SER A 30 10.32 24.50 -22.20
CA SER A 30 10.67 24.70 -23.61
C SER A 30 9.91 25.90 -24.19
N GLY A 54 1.69 4.43 -13.57
CA GLY A 54 2.97 3.74 -13.66
C GLY A 54 4.12 4.56 -13.12
N SER A 55 5.26 3.92 -12.91
CA SER A 55 6.42 4.61 -12.37
C SER A 55 7.68 3.83 -12.74
N GLU A 56 8.82 4.31 -12.23
CA GLU A 56 10.11 3.74 -12.58
C GLU A 56 11.12 3.93 -11.46
N TYR A 57 11.05 5.07 -10.78
CA TYR A 57 11.99 5.35 -9.70
C TYR A 57 11.39 6.40 -8.76
N SER A 58 11.73 6.28 -7.48
CA SER A 58 11.21 7.18 -6.47
C SER A 58 12.17 7.19 -5.29
N ASN A 59 12.36 8.37 -4.69
CA ASN A 59 13.24 8.51 -3.54
C ASN A 59 12.79 9.72 -2.73
N CYS A 60 13.48 9.97 -1.63
CA CYS A 60 13.13 11.04 -0.70
C CYS A 60 14.41 11.71 -0.21
N LEU A 61 14.39 13.04 -0.15
CA LEU A 61 15.55 13.85 0.21
C LEU A 61 15.24 14.70 1.43
N LEU A 62 16.22 14.83 2.32
CA LEU A 62 16.08 15.59 3.56
C LEU A 62 16.68 16.98 3.38
N LEU A 63 15.92 18.01 3.73
CA LEU A 63 16.35 19.38 3.50
C LEU A 63 17.01 19.94 4.76
N SER A 64 17.29 21.24 4.74
CA SER A 64 17.89 21.89 5.91
C SER A 64 16.94 21.86 7.09
N ASN A 65 15.69 22.24 6.87
CA ASN A 65 14.67 22.16 7.90
C ASN A 65 14.16 20.73 8.04
N SER A 66 13.46 20.47 9.14
CA SER A 66 12.94 19.14 9.44
C SER A 66 11.78 18.84 8.50
N GLU A 67 12.12 18.36 7.30
CA GLU A 67 11.11 18.02 6.31
C GLU A 67 11.75 17.13 5.26
N TYR A 68 10.98 16.15 4.79
CA TYR A 68 11.42 15.21 3.75
C TYR A 68 10.60 15.44 2.50
N ILE A 69 11.27 15.74 1.39
CA ILE A 69 10.63 15.94 0.10
C ILE A 69 10.89 14.72 -0.78
N CYS A 70 9.87 14.29 -1.50
CA CYS A 70 9.95 13.11 -2.36
C CYS A 70 9.95 13.54 -3.83
N TYR A 71 10.68 12.78 -4.65
CA TYR A 71 10.71 13.00 -6.09
C TYR A 71 10.59 11.65 -6.81
N HIS A 72 9.86 11.66 -7.93
CA HIS A 72 9.60 10.47 -8.72
C HIS A 72 10.08 10.69 -10.15
N PHE A 73 10.61 9.63 -10.76
CA PHE A 73 11.08 9.68 -12.14
C PHE A 73 10.35 8.62 -12.96
N SER A 74 9.03 8.78 -13.08
CA SER A 74 8.17 7.78 -13.68
C SER A 74 8.24 7.85 -15.20
N SER A 75 7.77 6.77 -15.84
CA SER A 75 7.57 6.69 -17.28
C SER A 75 8.83 7.16 -18.04
N ARG A 76 9.93 6.47 -17.77
CA ARG A 76 11.22 6.80 -18.34
C ARG A 76 11.57 8.26 -18.04
N SER A 77 11.69 9.09 -19.07
CA SER A 77 12.10 10.47 -18.92
C SER A 77 10.89 11.40 -19.02
N THR A 78 11.17 12.70 -19.11
CA THR A 78 10.14 13.74 -19.19
C THR A 78 9.15 13.63 -18.03
N LEU A 79 9.69 13.45 -16.84
CA LEU A 79 8.86 13.33 -15.63
C LEU A 79 9.69 13.67 -14.42
N LEU A 80 9.30 14.74 -13.71
CA LEU A 80 10.00 15.18 -12.49
C LEU A 80 8.94 15.76 -11.54
N THR A 81 8.46 14.91 -10.63
CA THR A 81 7.48 15.33 -9.64
C THR A 81 8.16 15.56 -8.29
N PHE A 82 7.56 16.46 -7.50
CA PHE A 82 8.05 16.78 -6.17
C PHE A 82 6.86 17.01 -5.26
N TYR A 83 6.89 16.43 -4.05
CA TYR A 83 5.82 16.66 -3.09
C TYR A 83 6.38 16.45 -1.69
N PRO A 84 5.90 17.21 -0.70
CA PRO A 84 6.38 17.02 0.68
C PRO A 84 5.75 15.79 1.30
N LEU A 85 6.58 14.97 1.96
CA LEU A 85 6.09 13.76 2.61
C LEU A 85 5.17 14.09 3.78
N SER A 86 5.45 15.18 4.49
CA SER A 86 4.68 15.53 5.68
C SER A 86 3.23 15.89 5.32
N ASP A 87 3.06 16.86 4.44
CA ASP A 87 1.75 17.36 4.04
C ASP A 87 1.58 17.08 2.55
N ALA A 88 1.18 15.84 2.23
CA ALA A 88 1.01 15.46 0.83
C ALA A 88 -0.31 15.91 0.25
N TYR A 89 -1.36 16.00 1.07
CA TYR A 89 -2.67 16.37 0.54
C TYR A 89 -2.83 17.88 0.49
N HIS A 90 -2.47 18.57 1.57
CA HIS A 90 -2.59 20.02 1.63
C HIS A 90 -1.38 20.73 1.03
N GLY A 91 -0.18 20.18 1.23
CA GLY A 91 0.99 20.72 0.55
C GLY A 91 0.93 20.44 -0.94
N LYS A 92 1.56 21.32 -1.71
CA LYS A 92 1.43 21.28 -3.16
C LYS A 92 2.53 20.42 -3.78
N THR A 93 2.24 19.92 -4.98
CA THR A 93 3.17 19.12 -5.75
C THR A 93 3.67 19.92 -6.95
N ILE A 94 4.90 19.61 -7.38
CA ILE A 94 5.55 20.33 -8.46
C ILE A 94 5.89 19.32 -9.55
N ASN A 95 5.18 19.40 -10.68
CA ASN A 95 5.44 18.54 -11.84
C ASN A 95 6.32 19.30 -12.81
N ILE A 96 7.57 18.88 -12.93
CA ILE A 96 8.51 19.48 -13.87
C ILE A 96 8.65 18.52 -15.05
N HIS A 97 8.10 18.91 -16.19
CA HIS A 97 8.26 18.11 -17.40
C HIS A 97 9.68 18.28 -17.94
N LEU A 98 9.93 17.71 -19.11
CA LEU A 98 11.23 17.82 -19.75
C LEU A 98 11.06 17.91 -21.26
N PRO A 99 11.87 18.71 -21.95
CA PRO A 99 11.68 18.90 -23.39
C PRO A 99 12.21 17.73 -24.21
N ASN A 100 13.37 17.21 -23.84
CA ASN A 100 13.98 16.09 -24.51
C ASN A 100 14.08 14.92 -23.55
N ALA A 101 13.87 13.71 -24.07
CA ALA A 101 13.99 12.52 -23.25
C ALA A 101 15.43 12.38 -22.73
N SER A 102 15.62 11.44 -21.81
CA SER A 102 16.92 11.16 -21.22
C SER A 102 17.42 9.81 -21.73
N MET A 103 18.75 9.65 -21.69
CA MET A 103 19.36 8.39 -22.07
C MET A 103 19.26 7.34 -20.97
N ASN A 104 18.94 7.73 -19.74
CA ASN A 104 18.83 6.80 -18.63
C ASN A 104 17.92 7.41 -17.57
N GLN A 105 17.03 6.60 -17.02
CA GLN A 105 16.13 7.04 -15.97
C GLN A 105 16.79 6.87 -14.61
N ARG A 106 16.67 7.88 -13.77
CA ARG A 106 17.11 7.84 -12.38
C ARG A 106 18.63 7.85 -12.21
N TYR A 107 19.36 7.49 -13.25
CA TYR A 107 20.82 7.45 -13.14
C TYR A 107 21.50 8.66 -13.77
N THR A 108 20.79 9.43 -14.59
CA THR A 108 21.33 10.62 -15.22
C THR A 108 21.10 11.87 -14.37
N LEU A 109 20.58 11.73 -13.16
CA LEU A 109 20.07 12.86 -12.40
C LEU A 109 20.67 12.90 -11.01
N THR A 110 21.11 14.09 -10.60
CA THR A 110 21.58 14.36 -9.24
C THR A 110 20.75 15.49 -8.65
N ILE A 111 20.07 15.21 -7.55
CA ILE A 111 19.37 16.22 -6.78
C ILE A 111 20.16 16.48 -5.51
N GLN A 112 20.53 17.74 -5.30
CA GLN A 112 21.24 18.14 -4.10
C GLN A 112 20.79 19.54 -3.69
N GLU A 113 20.68 19.76 -2.39
CA GLU A 113 20.21 21.03 -1.85
C GLU A 113 21.41 21.89 -1.51
N VAL A 114 21.55 23.03 -2.21
CA VAL A 114 22.65 23.97 -1.99
C VAL A 114 22.04 25.35 -1.80
N GLU A 115 22.35 25.99 -0.66
CA GLU A 115 21.90 27.35 -0.37
C GLU A 115 20.37 27.45 -0.38
N GLN A 116 19.73 26.53 0.34
CA GLN A 116 18.27 26.47 0.44
C GLN A 116 17.63 26.40 -0.94
N GLN A 117 18.09 25.44 -1.73
CA GLN A 117 17.67 25.33 -3.11
C GLN A 117 18.08 23.98 -3.65
N LEU A 118 17.15 23.30 -4.30
CA LEU A 118 17.38 21.98 -4.88
C LEU A 118 18.03 22.16 -6.25
N LEU A 119 19.28 21.69 -6.38
CA LEU A 119 19.97 21.67 -7.66
C LEU A 119 19.65 20.37 -8.38
N VAL A 120 19.14 20.48 -9.60
CA VAL A 120 18.64 19.33 -10.36
C VAL A 120 19.42 19.29 -11.67
N ASN A 121 20.32 18.31 -11.80
CA ASN A 121 21.21 18.20 -12.96
C ASN A 121 20.78 17.00 -13.80
N VAL A 122 20.42 17.27 -15.05
CA VAL A 122 19.92 16.25 -15.97
C VAL A 122 20.60 16.40 -17.32
N ILE A 123 20.98 15.27 -17.92
CA ILE A 123 21.43 15.23 -19.31
C ILE A 123 20.30 14.67 -20.16
N LEU A 124 19.79 15.48 -21.08
CA LEU A 124 18.72 15.06 -21.97
C LEU A 124 19.29 14.22 -23.11
N LYS A 125 18.41 13.80 -24.03
CA LYS A 125 18.85 13.04 -25.20
C LYS A 125 19.50 13.94 -26.25
N ASP A 126 19.22 15.24 -26.23
CA ASP A 126 19.84 16.16 -27.17
C ASP A 126 21.30 16.43 -26.88
N GLY A 127 21.87 15.79 -25.86
CA GLY A 127 23.20 16.13 -25.41
C GLY A 127 23.27 17.37 -24.56
N SER A 128 22.13 17.97 -24.23
CA SER A 128 22.08 19.19 -23.44
C SER A 128 22.03 18.86 -21.95
N PHE A 129 22.61 19.75 -21.15
CA PHE A 129 22.70 19.58 -19.70
C PHE A 129 21.83 20.63 -19.03
N LEU A 130 20.76 20.19 -18.38
CA LEU A 130 19.80 21.08 -17.75
C LEU A 130 20.06 21.15 -16.24
N THR A 131 20.14 22.37 -15.72
CA THR A 131 20.31 22.61 -14.28
C THR A 131 19.06 23.32 -13.78
N LEU A 132 18.29 22.66 -12.92
CA LEU A 132 17.08 23.22 -12.35
C LEU A 132 17.37 23.70 -10.93
N GLN A 133 16.91 24.90 -10.62
CA GLN A 133 17.14 25.54 -9.33
C GLN A 133 15.79 25.75 -8.65
N LEU A 134 15.43 24.84 -7.74
CA LEU A 134 14.15 24.90 -7.05
C LEU A 134 14.36 25.40 -5.62
N PRO A 135 13.89 26.59 -5.28
CA PRO A 135 14.04 27.07 -3.90
C PRO A 135 13.23 26.22 -2.92
N LEU A 136 13.67 26.24 -1.66
CA LEU A 136 12.97 25.48 -0.63
C LEU A 136 11.58 26.04 -0.37
N SER A 137 11.49 27.36 -0.19
CA SER A 137 10.23 27.99 0.17
C SER A 137 9.16 27.83 -0.90
N PHE A 138 9.55 27.61 -2.15
CA PHE A 138 8.56 27.44 -3.21
C PHE A 138 7.74 26.17 -2.99
N LEU A 139 8.41 25.04 -2.80
CA LEU A 139 7.73 23.77 -2.60
C LEU A 139 6.86 23.75 -1.36
N PHE A 140 7.14 24.60 -0.37
CA PHE A 140 6.37 24.64 0.85
C PHE A 140 5.32 25.74 0.88
N SER A 141 5.45 26.77 0.04
CA SER A 141 4.43 27.81 -0.02
C SER A 141 3.23 27.34 -0.83
N SER A 142 2.13 28.06 -0.67
CA SER A 142 0.89 27.75 -1.37
C SER A 142 0.80 28.47 -2.72
N ALA A 143 1.92 28.97 -3.23
CA ALA A 143 1.91 29.71 -4.49
C ALA A 143 1.63 28.77 -5.66
N ASN A 144 0.84 29.25 -6.61
CA ASN A 144 0.50 28.47 -7.80
C ASN A 144 1.69 28.43 -8.74
N THR A 145 1.88 29.49 -9.53
CA THR A 145 2.98 29.58 -10.48
C THR A 145 3.83 30.81 -10.16
N LEU A 146 5.14 30.63 -10.18
CA LEU A 146 6.09 31.68 -9.88
C LEU A 146 6.96 31.95 -11.09
N ASN A 147 7.10 33.24 -11.44
CA ASN A 147 7.92 33.63 -12.57
C ASN A 147 9.40 33.55 -12.23
N GLY A 148 10.22 33.39 -13.26
CA GLY A 148 11.65 33.30 -13.08
C GLY A 148 12.28 32.22 -13.94
N GLU A 149 13.47 32.49 -14.47
CA GLU A 149 14.15 31.55 -15.35
C GLU A 149 15.04 30.62 -14.51
N TRP A 150 14.36 29.79 -13.71
CA TRP A 150 15.06 28.78 -12.93
C TRP A 150 15.73 27.76 -13.83
N PHE A 151 15.08 27.40 -14.93
CA PHE A 151 15.66 26.47 -15.89
C PHE A 151 16.71 27.19 -16.74
N HIS A 152 17.85 26.50 -16.96
CA HIS A 152 18.92 27.05 -17.78
C HIS A 152 19.80 25.89 -18.22
N LEU A 153 19.56 25.39 -19.43
CA LEU A 153 20.31 24.27 -19.96
C LEU A 153 21.57 24.75 -20.67
N GLN A 154 22.44 23.79 -21.02
CA GLN A 154 23.71 24.08 -21.67
C GLN A 154 23.87 23.16 -22.87
N ASN A 155 23.82 23.75 -24.06
CA ASN A 155 24.04 23.03 -25.31
C ASN A 155 25.49 22.55 -25.49
N PRO A 156 26.53 23.37 -25.20
CA PRO A 156 27.89 22.96 -25.57
C PRO A 156 28.51 21.89 -24.67
N TYR A 157 29.83 21.73 -24.83
CA TYR A 157 30.68 20.80 -24.07
C TYR A 157 30.08 19.41 -23.93
N ASP A 158 29.33 18.97 -24.95
CA ASP A 158 28.90 17.58 -25.04
C ASP A 158 28.69 17.23 -26.50
N PHE A 159 28.79 15.93 -26.80
CA PHE A 159 28.78 15.46 -28.18
C PHE A 159 27.81 14.30 -28.33
N THR A 160 27.31 14.13 -29.56
CA THR A 160 26.37 13.05 -29.84
C THR A 160 27.04 11.68 -29.80
N VAL A 161 28.31 11.61 -30.21
CA VAL A 161 28.99 10.32 -30.31
C VAL A 161 29.17 9.69 -28.93
N ARG A 162 29.57 10.48 -27.95
CA ARG A 162 29.84 10.01 -26.59
C ARG A 162 28.69 10.46 -25.69
N VAL A 163 27.86 9.52 -25.28
CA VAL A 163 26.71 9.79 -24.42
C VAL A 163 26.96 9.12 -23.08
N PRO A 164 26.83 9.83 -21.96
CA PRO A 164 27.03 9.20 -20.66
C PRO A 164 25.71 8.89 -19.95
N HIS A 165 25.63 7.72 -19.32
CA HIS A 165 24.41 7.29 -18.66
C HIS A 165 24.36 7.66 -17.20
N PHE A 166 25.50 7.95 -16.58
CA PHE A 166 25.57 8.20 -15.14
C PHE A 166 25.91 9.66 -14.86
N LEU A 167 25.71 10.04 -13.60
CA LEU A 167 26.02 11.39 -13.14
C LEU A 167 26.09 11.34 -11.62
N PHE A 168 27.25 11.73 -11.06
CA PHE A 168 27.46 11.72 -9.62
C PHE A 168 27.77 13.13 -9.15
N TYR A 169 27.15 13.53 -8.04
CA TYR A 169 27.31 14.86 -7.49
C TYR A 169 28.38 14.83 -6.40
N VAL A 170 29.54 15.41 -6.71
CA VAL A 170 30.58 15.57 -5.71
C VAL A 170 30.18 16.69 -4.75
N SER A 171 30.60 16.55 -3.50
CA SER A 171 30.22 17.52 -2.47
C SER A 171 30.68 18.95 -2.77
N PRO A 172 31.95 19.22 -3.14
CA PRO A 172 32.37 20.62 -3.34
C PRO A 172 31.94 21.18 -4.70
N GLN A 173 30.63 21.26 -4.91
CA GLN A 173 30.04 21.92 -6.08
C GLN A 173 30.62 21.39 -7.38
N PHE A 174 30.61 20.07 -7.51
CA PHE A 174 31.21 19.40 -8.65
C PHE A 174 30.29 18.29 -9.11
N SER A 175 30.44 17.89 -10.38
CA SER A 175 29.66 16.80 -10.95
C SER A 175 30.57 15.96 -11.84
N VAL A 176 30.78 14.71 -11.45
CA VAL A 176 31.55 13.77 -12.26
C VAL A 176 30.57 12.96 -13.10
N VAL A 177 30.99 12.63 -14.31
CA VAL A 177 30.10 12.01 -15.30
C VAL A 177 30.88 10.91 -16.00
N PHE A 178 30.44 9.66 -15.84
CA PHE A 178 31.12 8.50 -16.40
C PHE A 178 30.38 8.02 -17.65
N LEU A 179 31.13 7.40 -18.56
CA LEU A 179 30.57 6.85 -19.78
C LEU A 179 30.75 5.32 -19.78
N GLU A 180 30.47 4.70 -20.93
CA GLU A 180 30.40 3.24 -20.99
C GLU A 180 31.78 2.61 -20.89
N ASP A 181 32.69 2.97 -21.79
CA ASP A 181 33.97 2.28 -21.91
C ASP A 181 35.03 2.90 -20.97
N GLY A 182 34.70 2.91 -19.69
CA GLY A 182 35.63 3.29 -18.65
C GLY A 182 36.29 4.65 -18.82
N GLY A 183 35.49 5.72 -18.79
CA GLY A 183 36.01 7.07 -18.86
C GLY A 183 35.10 8.01 -18.10
N LEU A 184 35.66 9.15 -17.71
CA LEU A 184 34.92 10.11 -16.90
C LEU A 184 35.29 11.54 -17.31
N LEU A 185 34.46 12.46 -16.85
CA LEU A 185 34.63 13.89 -17.11
C LEU A 185 34.13 14.64 -15.88
N GLY A 186 34.57 15.88 -15.73
CA GLY A 186 34.17 16.71 -14.61
C GLY A 186 33.56 18.02 -15.10
N LEU A 187 32.46 18.42 -14.47
CA LEU A 187 31.69 19.57 -14.90
C LEU A 187 32.00 20.77 -14.01
N LYS A 188 32.45 21.86 -14.63
CA LYS A 188 32.64 23.12 -13.93
C LYS A 188 31.92 24.28 -14.61
N LYS A 189 31.03 24.00 -15.55
CA LYS A 189 30.26 25.04 -16.23
C LYS A 189 29.19 25.62 -15.32
N TYR A 205 34.33 22.23 -17.88
CA TYR A 205 34.64 20.90 -18.40
C TYR A 205 36.10 20.54 -18.14
N LEU A 206 36.34 19.81 -17.06
CA LEU A 206 37.68 19.38 -16.67
C LEU A 206 37.74 17.87 -16.66
N LYS A 207 38.85 17.31 -17.15
CA LYS A 207 38.96 15.87 -17.34
C LYS A 207 40.07 15.31 -16.45
N SER A 208 40.35 14.02 -16.65
CA SER A 208 41.40 13.34 -15.91
C SER A 208 42.11 12.31 -16.79
N SER A 226 28.66 1.65 -10.59
CA SER A 226 28.35 2.38 -9.36
C SER A 226 29.54 3.23 -8.92
N CYS A 227 29.29 4.18 -8.03
CA CYS A 227 30.33 5.08 -7.55
C CYS A 227 29.86 5.79 -6.30
N LYS A 228 30.77 5.95 -5.34
CA LYS A 228 30.52 6.74 -4.14
C LYS A 228 31.81 7.45 -3.75
N LEU A 229 31.66 8.45 -2.88
CA LEU A 229 32.77 9.32 -2.51
C LEU A 229 33.22 9.00 -1.08
N PHE A 230 34.38 8.35 -0.97
CA PHE A 230 34.99 8.11 0.34
C PHE A 230 35.70 9.37 0.80
N HIS A 231 35.63 9.62 2.11
CA HIS A 231 36.25 10.79 2.74
C HIS A 231 35.79 12.08 2.06
N GLU A 232 36.71 12.79 1.41
CA GLU A 232 36.40 14.06 0.77
C GLU A 232 36.68 14.05 -0.73
N ARG A 233 37.89 13.66 -1.14
CA ARG A 233 38.27 13.67 -2.54
C ARG A 233 38.39 12.27 -3.14
N TYR A 234 38.11 11.22 -2.37
CA TYR A 234 38.29 9.85 -2.83
C TYR A 234 37.00 9.37 -3.47
N LEU A 235 37.01 9.20 -4.79
CA LEU A 235 35.88 8.66 -5.53
C LEU A 235 36.12 7.18 -5.78
N ILE A 236 35.35 6.33 -5.10
CA ILE A 236 35.46 4.89 -5.25
C ILE A 236 34.44 4.46 -6.30
N VAL A 237 34.93 4.09 -7.49
CA VAL A 237 34.06 3.75 -8.62
C VAL A 237 33.86 2.24 -8.68
N LEU A 238 32.99 1.80 -9.59
CA LEU A 238 32.72 0.39 -9.78
C LEU A 238 32.46 0.15 -11.26
N THR A 239 32.90 -1.00 -11.77
CA THR A 239 32.84 -1.31 -13.19
C THR A 239 31.77 -2.37 -13.47
N GLN A 240 31.80 -2.90 -14.70
CA GLN A 240 30.84 -3.87 -15.17
C GLN A 240 31.30 -5.32 -15.04
N ASN A 241 32.61 -5.54 -14.88
CA ASN A 241 33.15 -6.90 -14.93
C ASN A 241 32.71 -7.75 -13.73
N CYS A 242 32.89 -7.29 -12.48
CA CYS A 242 33.29 -5.93 -12.08
C CYS A 242 34.60 -5.88 -11.31
N HIS A 243 35.04 -4.65 -11.03
CA HIS A 243 36.22 -4.41 -10.21
C HIS A 243 36.27 -2.94 -9.79
N LEU A 244 36.48 -2.68 -8.50
CA LEU A 244 36.44 -1.32 -7.99
C LEU A 244 37.68 -0.54 -8.40
N LYS A 245 37.58 0.78 -8.31
CA LYS A 245 38.68 1.69 -8.60
C LYS A 245 38.56 2.92 -7.72
N ILE A 246 39.66 3.31 -7.08
CA ILE A 246 39.69 4.47 -6.20
C ILE A 246 40.16 5.69 -6.97
N TRP A 247 39.76 6.87 -6.51
CA TRP A 247 40.24 8.14 -7.03
C TRP A 247 40.67 9.01 -5.86
N ASP A 248 41.21 10.19 -6.19
CA ASP A 248 41.64 11.15 -5.17
C ASP A 248 41.84 12.50 -5.83
N LEU A 249 42.69 13.37 -5.25
CA LEU A 249 42.88 14.70 -5.85
C LEU A 249 44.26 15.25 -5.45
N THR A 250 45.31 14.83 -6.15
CA THR A 250 45.49 13.64 -7.01
C THR A 250 44.36 13.16 -7.95
N SER A 251 43.88 14.04 -8.82
CA SER A 251 42.74 13.72 -9.67
C SER A 251 43.11 12.81 -10.84
N PHE A 252 44.38 12.49 -11.01
CA PHE A 252 44.82 11.79 -12.22
C PHE A 252 44.92 10.28 -12.05
N THR A 253 45.28 9.79 -10.87
CA THR A 253 45.61 8.38 -10.71
C THR A 253 44.63 7.69 -9.76
N LEU A 254 44.92 6.42 -9.48
CA LEU A 254 44.06 5.55 -8.69
C LEU A 254 44.90 4.87 -7.62
N ILE A 255 44.41 4.86 -6.38
CA ILE A 255 45.17 4.23 -5.31
C ILE A 255 45.30 2.74 -5.53
N GLN A 256 44.19 2.08 -5.89
CA GLN A 256 44.19 0.64 -6.06
C GLN A 256 42.98 0.23 -6.89
N ASP A 257 43.17 -0.77 -7.74
CA ASP A 257 42.09 -1.40 -8.49
C ASP A 257 41.98 -2.86 -8.09
N TYR A 258 40.80 -3.43 -8.29
CA TYR A 258 40.51 -4.78 -7.86
C TYR A 258 40.75 -5.77 -8.98
N ASP A 259 41.32 -6.93 -8.63
CA ASP A 259 41.46 -8.00 -9.58
C ASP A 259 40.14 -8.77 -9.71
N MET A 260 40.09 -9.67 -10.68
CA MET A 260 38.89 -10.48 -10.85
C MET A 260 38.69 -11.40 -9.66
N VAL A 261 39.75 -12.07 -9.21
CA VAL A 261 39.74 -12.97 -8.06
C VAL A 261 38.56 -13.92 -8.16
N SER A 262 38.53 -14.72 -9.23
CA SER A 262 37.33 -15.48 -9.55
C SER A 262 37.13 -16.64 -8.59
N GLN A 263 38.21 -17.36 -8.24
CA GLN A 263 38.07 -18.58 -7.46
C GLN A 263 37.59 -18.28 -6.04
N SER A 264 38.06 -17.20 -5.44
CA SER A 264 37.68 -16.85 -4.07
C SER A 264 36.24 -16.36 -4.02
N VAL A 277 23.45 -1.21 -14.69
CA VAL A 277 23.78 -0.10 -13.80
C VAL A 277 22.82 -0.07 -12.62
N GLY A 278 23.36 -0.02 -11.42
CA GLY A 278 22.54 0.00 -10.23
C GLY A 278 23.33 0.44 -9.01
N GLU A 279 22.75 0.19 -7.84
CA GLU A 279 23.35 0.57 -6.56
C GLU A 279 23.96 -0.67 -5.94
N TYR A 280 25.28 -0.83 -6.11
CA TYR A 280 25.99 -1.98 -5.57
C TYR A 280 27.07 -1.60 -4.57
N LEU A 281 27.17 -0.32 -4.22
CA LEU A 281 28.16 0.15 -3.26
C LEU A 281 27.45 0.77 -2.07
N SER A 282 27.98 0.54 -0.87
CA SER A 282 27.47 1.21 0.32
C SER A 282 28.60 1.39 1.30
N LEU A 283 28.97 2.64 1.59
CA LEU A 283 30.09 2.93 2.47
C LEU A 283 29.59 3.55 3.77
N TYR A 284 30.30 3.25 4.85
CA TYR A 284 30.01 3.79 6.17
C TYR A 284 31.33 3.85 6.93
N ASN A 285 31.74 5.06 7.30
CA ASN A 285 33.03 5.31 7.97
C ASN A 285 34.13 4.71 7.10
N ASN A 286 34.95 3.80 7.61
CA ASN A 286 36.03 3.18 6.84
C ASN A 286 35.67 1.79 6.36
N THR A 287 34.38 1.48 6.23
CA THR A 287 33.92 0.15 5.87
C THR A 287 33.01 0.22 4.65
N LEU A 288 33.38 -0.50 3.60
CA LEU A 288 32.63 -0.52 2.35
C LEU A 288 32.02 -1.90 2.13
N VAL A 289 30.84 -1.92 1.51
CA VAL A 289 30.12 -3.13 1.16
C VAL A 289 29.82 -3.11 -0.32
N THR A 290 30.19 -4.19 -1.01
CA THR A 290 30.00 -4.33 -2.45
C THR A 290 29.27 -5.64 -2.72
N LEU A 291 28.68 -5.73 -3.91
CA LEU A 291 27.91 -6.88 -4.36
C LEU A 291 28.64 -7.59 -5.49
N LEU A 292 28.75 -8.91 -5.39
CA LEU A 292 29.40 -9.73 -6.42
C LEU A 292 28.34 -10.64 -7.04
N PRO A 293 27.95 -10.43 -8.31
CA PRO A 293 26.96 -11.24 -9.01
C PRO A 293 27.33 -12.72 -9.06
N GLY A 297 24.59 -14.52 -5.30
CA GLY A 297 25.27 -13.29 -4.94
C GLY A 297 26.23 -13.46 -3.76
N LEU A 298 27.25 -12.61 -3.72
CA LEU A 298 28.26 -12.65 -2.67
C LEU A 298 28.47 -11.24 -2.14
N PHE A 299 28.24 -11.05 -0.85
CA PHE A 299 28.38 -9.73 -0.24
C PHE A 299 29.84 -9.53 0.15
N GLN A 300 30.60 -8.84 -0.70
CA GLN A 300 32.01 -8.61 -0.44
C GLN A 300 32.17 -7.42 0.49
N MET A 301 33.04 -7.57 1.48
CA MET A 301 33.31 -6.54 2.47
C MET A 301 34.74 -6.05 2.33
N GLY A 302 34.95 -4.78 2.66
CA GLY A 302 36.27 -4.17 2.59
C GLY A 302 36.42 -3.01 3.53
N THR A 303 37.31 -3.15 4.51
CA THR A 303 37.54 -2.10 5.50
C THR A 303 38.76 -1.27 5.16
N THR A 315 43.58 3.64 4.05
CA THR A 315 43.67 3.41 2.61
C THR A 315 43.78 1.92 2.29
N PHE A 316 43.20 1.10 3.16
CA PHE A 316 43.19 -0.35 2.98
C PHE A 316 41.96 -0.80 2.21
N GLN A 317 42.09 -1.94 1.53
CA GLN A 317 41.03 -2.48 0.66
C GLN A 317 41.08 -4.01 0.73
N ASN A 318 40.58 -4.56 1.84
CA ASN A 318 40.65 -6.01 2.03
C ASN A 318 39.77 -6.52 3.17
N ASN A 319 38.96 -7.55 2.88
CA ASN A 319 38.28 -8.34 3.91
C ASN A 319 37.66 -9.60 3.32
N ILE A 320 36.63 -10.14 3.96
CA ILE A 320 36.06 -11.44 3.60
C ILE A 320 34.61 -11.28 3.15
N PRO A 321 34.17 -11.97 2.10
CA PRO A 321 32.77 -11.89 1.69
C PRO A 321 31.87 -12.87 2.45
N THR A 322 30.57 -12.62 2.34
CA THR A 322 29.55 -13.46 2.94
C THR A 322 28.55 -13.90 1.88
N ASN A 323 27.76 -14.92 2.21
CA ASN A 323 26.81 -15.51 1.28
C ASN A 323 25.43 -14.86 1.43
N LEU A 324 24.50 -15.28 0.59
CA LEU A 324 23.12 -14.80 0.59
C LEU A 324 22.17 -15.96 0.83
N SER A 325 20.87 -15.65 0.76
CA SER A 325 19.81 -16.64 0.82
C SER A 325 18.90 -16.42 -0.39
N ALA A 326 18.97 -17.33 -1.35
CA ALA A 326 18.25 -17.16 -2.61
C ALA A 326 17.61 -18.48 -3.03
N SER A 327 16.38 -18.39 -3.55
CA SER A 327 15.68 -19.54 -4.12
C SER A 327 15.49 -19.34 -5.62
N ALA A 328 14.66 -18.39 -6.03
CA ALA A 328 14.52 -18.05 -7.44
C ALA A 328 15.58 -17.04 -7.84
N ILE A 329 15.28 -16.19 -8.82
CA ILE A 329 16.18 -15.13 -9.26
C ILE A 329 15.70 -13.81 -8.69
N TRP A 330 16.58 -13.14 -7.94
CA TRP A 330 16.28 -11.85 -7.34
C TRP A 330 17.25 -10.80 -7.87
N SER A 331 16.80 -9.55 -7.90
CA SER A 331 17.62 -8.42 -8.31
C SER A 331 17.59 -7.37 -7.23
N ILE A 332 18.76 -6.91 -6.81
CA ILE A 332 18.85 -5.97 -5.69
C ILE A 332 18.30 -4.61 -6.11
N VAL A 333 17.59 -3.96 -5.19
CA VAL A 333 17.04 -2.63 -5.42
C VAL A 333 18.01 -1.60 -4.85
N ASP A 334 18.12 -1.56 -3.52
CA ASP A 334 18.98 -0.59 -2.86
C ASP A 334 19.69 -1.27 -1.69
N LEU A 335 20.74 -0.59 -1.22
CA LEU A 335 21.67 -1.17 -0.25
C LEU A 335 22.21 -0.04 0.62
N VAL A 336 22.07 -0.16 1.93
CA VAL A 336 22.50 0.89 2.86
C VAL A 336 23.19 0.24 4.07
N LEU A 337 24.40 0.70 4.36
CA LEU A 337 25.15 0.23 5.52
C LEU A 337 25.05 1.27 6.63
N THR A 338 24.58 0.85 7.81
CA THR A 338 24.31 1.78 8.89
C THR A 338 24.79 1.20 10.23
N ARG A 339 24.70 2.05 11.25
CA ARG A 339 25.00 1.66 12.62
C ARG A 339 23.95 0.67 13.12
N PRO A 340 24.25 -0.07 14.19
CA PRO A 340 23.30 -1.06 14.69
C PRO A 340 22.00 -0.42 15.19
N LEU A 341 20.91 -1.17 15.04
CA LEU A 341 19.62 -0.82 15.61
C LEU A 341 19.27 -1.80 16.72
N GLU A 342 18.21 -1.48 17.46
CA GLU A 342 17.79 -2.31 18.58
C GLU A 342 17.28 -3.66 18.04
N LEU A 343 18.00 -4.73 18.36
CA LEU A 343 17.64 -6.06 17.92
C LEU A 343 17.82 -7.05 19.07
N ASN A 344 17.35 -8.27 18.86
CA ASN A 344 17.48 -9.34 19.85
C ASN A 344 18.64 -10.26 19.49
N VAL A 345 19.81 -9.64 19.34
CA VAL A 345 21.05 -10.34 19.03
C VAL A 345 22.10 -9.92 20.06
N GLU A 346 23.21 -10.65 20.09
CA GLU A 346 24.33 -10.33 20.96
C GLU A 346 25.01 -9.05 20.46
N ALA A 347 26.19 -8.75 21.00
CA ALA A 347 26.89 -7.53 20.63
C ALA A 347 27.28 -7.56 19.16
N SER A 348 26.89 -6.51 18.44
CA SER A 348 27.16 -6.41 17.00
C SER A 348 27.80 -5.06 16.71
N TYR A 349 28.24 -4.89 15.46
CA TYR A 349 29.03 -3.75 15.05
C TYR A 349 28.42 -2.96 13.90
N LEU A 350 27.74 -3.62 12.96
CA LEU A 350 27.14 -2.92 11.84
C LEU A 350 25.85 -3.62 11.43
N ASN A 351 24.96 -2.86 10.81
CA ASN A 351 23.74 -3.40 10.21
C ASN A 351 23.71 -3.03 8.74
N LEU A 352 23.11 -3.89 7.94
CA LEU A 352 23.18 -3.78 6.48
C LEU A 352 21.77 -4.03 5.93
N ILE A 353 21.11 -2.97 5.49
CA ILE A 353 19.76 -3.05 4.96
C ILE A 353 19.85 -3.27 3.45
N VAL A 354 19.30 -4.39 2.98
CA VAL A 354 19.32 -4.73 1.56
C VAL A 354 17.90 -4.96 1.10
N LEU A 355 17.56 -4.45 -0.08
CA LEU A 355 16.27 -4.66 -0.70
C LEU A 355 16.43 -5.46 -1.98
N TRP A 356 15.59 -6.47 -2.16
CA TRP A 356 15.50 -7.23 -3.40
C TRP A 356 14.09 -7.13 -3.95
N LYS A 357 13.96 -7.27 -5.27
CA LYS A 357 12.66 -7.17 -5.91
C LYS A 357 12.54 -8.22 -7.00
N SER A 358 11.41 -8.92 -7.01
CA SER A 358 11.04 -9.82 -8.10
C SER A 358 9.72 -9.28 -8.65
N GLY A 359 9.80 -8.64 -9.82
CA GLY A 359 8.65 -8.02 -10.44
C GLY A 359 7.98 -7.00 -9.55
N THR A 360 6.81 -7.34 -9.04
CA THR A 360 6.09 -6.48 -8.10
C THR A 360 6.48 -6.73 -6.65
N ALA A 361 6.83 -7.97 -6.30
CA ALA A 361 7.12 -8.29 -4.91
C ALA A 361 8.51 -7.82 -4.53
N SER A 362 8.70 -7.60 -3.22
CA SER A 362 9.97 -7.14 -2.69
C SER A 362 10.24 -7.79 -1.34
N LYS A 363 11.52 -7.95 -1.04
CA LYS A 363 11.97 -8.54 0.20
C LYS A 363 13.03 -7.65 0.83
N LEU A 364 12.90 -7.41 2.13
CA LEU A 364 13.86 -6.63 2.91
C LEU A 364 14.63 -7.57 3.82
N GLN A 365 15.96 -7.42 3.85
CA GLN A 365 16.78 -8.26 4.71
C GLN A 365 17.85 -7.39 5.38
N ILE A 366 18.32 -7.85 6.54
CA ILE A 366 19.28 -7.10 7.32
C ILE A 366 20.42 -8.01 7.74
N LEU A 367 21.64 -7.59 7.43
CA LEU A 367 22.84 -8.27 7.92
C LEU A 367 23.26 -7.63 9.24
N ASN A 368 23.46 -8.46 10.25
CA ASN A 368 23.93 -8.03 11.56
C ASN A 368 25.34 -8.57 11.75
N VAL A 369 26.32 -7.68 11.89
CA VAL A 369 27.73 -8.05 11.91
C VAL A 369 28.34 -7.60 13.24
N ASN A 370 29.04 -8.53 13.90
CA ASN A 370 29.74 -8.24 15.14
C ASN A 370 31.02 -7.45 14.88
N ASP A 371 31.77 -7.20 15.93
CA ASP A 371 32.92 -6.31 15.84
C ASP A 371 34.02 -6.90 14.96
N GLU A 372 34.63 -6.04 14.15
CA GLU A 372 35.74 -6.37 13.25
C GLU A 372 35.34 -7.33 12.14
N SER A 373 34.04 -7.47 11.89
CA SER A 373 33.52 -8.16 10.70
C SER A 373 34.01 -9.61 10.63
N PHE A 374 34.04 -10.28 11.77
CA PHE A 374 34.50 -11.67 11.80
C PHE A 374 33.71 -12.57 12.75
N LYS A 375 33.15 -12.05 13.85
CA LYS A 375 32.55 -12.94 14.84
C LYS A 375 31.22 -13.49 14.36
N ASN A 376 30.39 -12.67 13.72
CA ASN A 376 29.08 -13.11 13.27
C ASN A 376 28.72 -12.44 11.97
N TYR A 377 27.65 -12.96 11.35
CA TYR A 377 27.09 -12.42 10.12
C TYR A 377 25.65 -12.90 9.98
N GLU A 378 24.78 -12.46 10.89
CA GLU A 378 23.43 -12.99 10.99
C GLU A 378 22.51 -12.34 9.97
N TRP A 379 21.54 -13.12 9.49
CA TRP A 379 20.53 -12.68 8.53
C TRP A 379 19.20 -12.51 9.24
N ILE A 380 18.62 -11.32 9.14
CA ILE A 380 17.33 -11.00 9.73
C ILE A 380 16.35 -10.77 8.59
N GLU A 381 15.24 -11.53 8.62
CA GLU A 381 14.18 -11.41 7.63
C GLU A 381 13.13 -10.41 8.10
N SER A 382 12.07 -10.26 7.31
CA SER A 382 11.00 -9.35 7.64
C SER A 382 9.71 -9.83 6.97
N VAL A 383 8.59 -9.30 7.45
CA VAL A 383 7.28 -9.61 6.87
C VAL A 383 7.11 -8.72 5.65
N ASN A 384 7.22 -9.31 4.45
CA ASN A 384 7.21 -8.57 3.21
C ASN A 384 5.83 -8.04 2.83
N LYS A 385 4.79 -8.32 3.63
CA LYS A 385 3.46 -7.82 3.37
C LYS A 385 2.87 -7.27 4.66
N SER A 386 2.06 -6.22 4.52
CA SER A 386 1.43 -5.61 5.69
C SER A 386 0.34 -6.52 6.25
N LEU A 387 -0.19 -6.12 7.41
CA LEU A 387 -1.26 -6.90 8.02
C LEU A 387 -2.56 -6.81 7.23
N VAL A 388 -2.77 -5.69 6.52
CA VAL A 388 -4.01 -5.51 5.77
C VAL A 388 -4.05 -6.46 4.57
N ASP A 389 -2.94 -6.58 3.85
CA ASP A 389 -2.88 -7.50 2.72
C ASP A 389 -3.05 -8.94 3.17
N LEU A 390 -2.49 -9.29 4.33
CA LEU A 390 -2.64 -10.65 4.84
C LEU A 390 -4.06 -10.91 5.31
N GLN A 391 -4.71 -9.92 5.91
CA GLN A 391 -6.11 -10.07 6.30
C GLN A 391 -7.02 -10.20 5.09
N SER A 392 -6.66 -9.55 3.97
CA SER A 392 -7.44 -9.68 2.76
C SER A 392 -7.15 -10.98 2.00
N GLU A 393 -5.95 -11.55 2.17
CA GLU A 393 -5.60 -12.76 1.43
C GLU A 393 -6.12 -14.03 2.12
N HIS A 394 -5.72 -14.24 3.37
CA HIS A 394 -5.97 -15.51 4.05
C HIS A 394 -7.28 -15.53 4.84
N ASP A 395 -8.13 -14.51 4.69
CA ASP A 395 -9.44 -14.45 5.32
C ASP A 395 -9.34 -14.59 6.84
N LEU A 396 -8.34 -13.92 7.43
CA LEU A 396 -8.18 -13.90 8.88
C LEU A 396 -8.95 -12.76 9.54
N ASP A 397 -9.54 -11.86 8.75
CA ASP A 397 -10.28 -10.75 9.31
C ASP A 397 -11.58 -11.24 9.93
N ILE A 398 -12.01 -10.57 11.00
CA ILE A 398 -13.15 -11.00 11.80
C ILE A 398 -14.04 -9.81 12.10
N VAL A 399 -13.44 -8.64 12.28
CA VAL A 399 -14.18 -7.46 12.73
C VAL A 399 -15.05 -6.90 11.61
N THR A 400 -14.55 -6.92 10.38
CA THR A 400 -15.25 -6.28 9.27
C THR A 400 -16.60 -6.94 9.04
N LYS A 401 -17.55 -6.15 8.54
CA LYS A 401 -18.90 -6.62 8.29
C LYS A 401 -19.16 -6.85 6.81
N ASP A 404 -24.59 -7.98 2.23
CA ASP A 404 -24.98 -6.97 1.25
C ASP A 404 -23.77 -6.46 0.49
N VAL A 405 -23.97 -6.05 -0.76
CA VAL A 405 -22.87 -5.60 -1.59
C VAL A 405 -22.58 -4.11 -1.46
N GLU A 406 -23.52 -3.33 -0.93
CA GLU A 406 -23.24 -1.91 -0.71
C GLU A 406 -22.31 -1.73 0.49
N ARG A 407 -22.57 -2.45 1.58
CA ARG A 407 -21.67 -2.39 2.73
C ARG A 407 -20.30 -2.94 2.37
N GLY A 408 -20.24 -4.03 1.61
CA GLY A 408 -18.96 -4.55 1.14
C GLY A 408 -18.25 -3.60 0.19
N PHE A 409 -19.02 -2.89 -0.64
CA PHE A 409 -18.43 -1.90 -1.53
C PHE A 409 -17.80 -0.76 -0.74
N CYS A 410 -18.50 -0.27 0.29
CA CYS A 410 -17.91 0.75 1.16
C CYS A 410 -16.71 0.21 1.93
N ASN A 411 -16.76 -1.07 2.33
CA ASN A 411 -15.62 -1.68 3.01
C ASN A 411 -14.40 -1.73 2.11
N LEU A 412 -14.60 -2.08 0.83
CA LEU A 412 -13.48 -2.06 -0.12
C LEU A 412 -13.00 -0.65 -0.40
N LYS A 413 -13.92 0.32 -0.43
CA LYS A 413 -13.53 1.71 -0.66
C LYS A 413 -12.74 2.27 0.51
N SER A 414 -12.99 1.77 1.72
CA SER A 414 -12.27 2.24 2.90
C SER A 414 -10.98 1.47 3.15
N ARG A 415 -10.93 0.19 2.80
CA ARG A 415 -9.72 -0.60 3.04
C ARG A 415 -8.56 -0.15 2.15
N TYR A 416 -8.85 0.37 0.97
CA TYR A 416 -7.85 0.92 0.09
C TYR A 416 -7.99 2.43 0.00
N GLY A 417 -6.86 3.09 -0.27
CA GLY A 417 -6.91 4.53 -0.51
C GLY A 417 -7.76 4.85 -1.73
N THR A 418 -8.31 6.06 -1.73
CA THR A 418 -9.15 6.49 -2.85
C THR A 418 -8.41 6.46 -4.17
N GLN A 419 -7.10 6.64 -4.15
CA GLN A 419 -6.30 6.58 -5.37
C GLN A 419 -6.33 5.19 -5.98
N ILE A 420 -6.06 4.17 -5.17
CA ILE A 420 -6.09 2.79 -5.65
C ILE A 420 -7.47 2.43 -6.16
N PHE A 421 -8.52 2.84 -5.44
CA PHE A 421 -9.88 2.50 -5.83
C PHE A 421 -10.25 3.16 -7.14
N GLU A 422 -9.87 4.43 -7.32
CA GLU A 422 -10.19 5.11 -8.58
C GLU A 422 -9.41 4.52 -9.74
N ARG A 423 -8.15 4.13 -9.52
CA ARG A 423 -7.41 3.45 -10.57
C ARG A 423 -8.07 2.14 -10.96
N ALA A 424 -8.54 1.37 -9.97
CA ALA A 424 -9.25 0.12 -10.27
C ALA A 424 -10.54 0.40 -11.03
N GLN A 425 -11.28 1.42 -10.63
CA GLN A 425 -12.52 1.77 -11.33
C GLN A 425 -12.25 2.14 -12.78
N GLN A 426 -11.20 2.92 -13.02
CA GLN A 426 -10.89 3.31 -14.40
C GLN A 426 -10.43 2.11 -15.21
N ILE A 427 -9.62 1.22 -14.62
CA ILE A 427 -9.19 0.02 -15.33
C ILE A 427 -10.40 -0.84 -15.70
N LEU A 428 -11.38 -0.93 -14.79
CA LEU A 428 -12.58 -1.70 -15.09
C LEU A 428 -13.43 -1.03 -16.17
N SER A 429 -13.49 0.31 -16.16
CA SER A 429 -14.27 1.01 -17.17
C SER A 429 -13.65 0.90 -18.55
N GLU A 430 -12.31 0.84 -18.62
CA GLU A 430 -11.65 0.65 -19.92
C GLU A 430 -12.03 -0.69 -20.53
N ASN A 431 -12.04 -1.74 -19.72
CA ASN A 431 -12.44 -3.07 -20.18
C ASN A 431 -13.95 -3.21 -20.35
N LYS A 432 -14.72 -2.14 -20.13
CA LYS A 432 -16.18 -2.15 -20.27
C LYS A 432 -16.81 -3.21 -19.38
N ILE A 433 -16.69 -2.98 -18.07
CA ILE A 433 -17.23 -3.88 -17.05
C ILE A 433 -18.25 -3.06 -16.26
N ILE A 434 -19.50 -3.10 -16.71
CA ILE A 434 -20.57 -2.36 -16.05
C ILE A 434 -20.96 -3.05 -14.74
N MET A 435 -20.99 -2.26 -13.67
CA MET A 435 -21.35 -2.79 -12.36
C MET A 435 -22.78 -3.29 -12.34
N ALA A 436 -23.00 -4.41 -11.65
CA ALA A 436 -24.33 -5.00 -11.55
C ALA A 436 -25.09 -4.49 -10.32
N HIS A 437 -24.45 -3.61 -9.56
CA HIS A 437 -25.02 -2.99 -8.36
C HIS A 437 -25.47 -4.02 -7.32
N ASN A 438 -26.72 -3.89 -6.88
CA ASN A 438 -27.28 -4.78 -5.87
C ASN A 438 -27.34 -6.23 -6.34
N GLU A 439 -27.14 -7.15 -5.41
CA GLU A 439 -27.15 -8.59 -5.66
C GLU A 439 -26.15 -9.03 -6.72
N ASP A 440 -24.96 -8.42 -6.69
CA ASP A 440 -23.90 -8.75 -7.64
C ASP A 440 -22.72 -9.39 -6.91
N GLU A 441 -22.21 -10.49 -7.46
CA GLU A 441 -21.08 -11.18 -6.85
C GLU A 441 -19.89 -11.24 -7.80
N GLU A 442 -20.14 -11.48 -9.09
CA GLU A 442 -19.05 -11.46 -10.07
C GLU A 442 -18.35 -10.11 -10.08
N TYR A 443 -19.13 -9.02 -10.04
CA TYR A 443 -18.54 -7.69 -10.08
C TYR A 443 -17.74 -7.40 -8.82
N LEU A 444 -18.24 -7.81 -7.64
CA LEU A 444 -17.51 -7.54 -6.42
C LEU A 444 -16.21 -8.35 -6.35
N ALA A 445 -16.25 -9.61 -6.81
CA ALA A 445 -15.02 -10.41 -6.84
C ALA A 445 -14.01 -9.82 -7.82
N ASN A 446 -14.48 -9.37 -8.99
CA ASN A 446 -13.58 -8.73 -9.95
C ASN A 446 -12.99 -7.45 -9.37
N LEU A 447 -13.80 -6.66 -8.68
CA LEU A 447 -13.30 -5.45 -8.03
C LEU A 447 -12.23 -5.79 -6.98
N GLU A 448 -12.47 -6.84 -6.20
CA GLU A 448 -11.50 -7.24 -5.18
C GLU A 448 -10.17 -7.63 -5.80
N THR A 449 -10.21 -8.49 -6.83
CA THR A 449 -8.94 -8.93 -7.41
C THR A 449 -8.23 -7.80 -8.14
N ILE A 450 -8.99 -6.90 -8.78
CA ILE A 450 -8.37 -5.76 -9.45
C ILE A 450 -7.74 -4.82 -8.43
N LEU A 451 -8.41 -4.60 -7.29
CA LEU A 451 -7.83 -3.76 -6.24
C LEU A 451 -6.56 -4.37 -5.68
N ARG A 452 -6.56 -5.70 -5.48
CA ARG A 452 -5.35 -6.37 -5.02
C ARG A 452 -4.20 -6.15 -5.99
N ASP A 453 -4.45 -6.38 -7.29
CA ASP A 453 -3.41 -6.20 -8.28
C ASP A 453 -2.92 -4.75 -8.33
N VAL A 454 -3.85 -3.80 -8.23
CA VAL A 454 -3.47 -2.38 -8.31
C VAL A 454 -2.60 -2.01 -7.11
N LYS A 455 -2.96 -2.46 -5.91
CA LYS A 455 -2.14 -2.13 -4.75
C LYS A 455 -0.77 -2.80 -4.83
N THR A 456 -0.72 -4.06 -5.29
CA THR A 456 0.57 -4.72 -5.41
C THR A 456 1.45 -4.05 -6.46
N ALA A 457 0.86 -3.48 -7.51
CA ALA A 457 1.64 -2.73 -8.49
C ALA A 457 2.09 -1.39 -7.92
N PHE A 458 1.22 -0.73 -7.16
CA PHE A 458 1.58 0.54 -6.54
C PHE A 458 2.75 0.38 -5.57
N ASN A 459 2.84 -0.76 -4.90
CA ASN A 459 3.85 -1.01 -3.88
C ASN A 459 5.13 -1.63 -4.43
N GLU A 460 5.42 -1.46 -5.72
CA GLU A 460 6.68 -1.92 -6.28
C GLU A 460 7.81 -1.02 -5.81
N ALA A 461 8.84 -1.63 -5.23
CA ALA A 461 9.92 -0.89 -4.59
C ALA A 461 10.86 -0.27 -5.63
N SER A 462 11.59 0.74 -5.20
CA SER A 462 12.47 1.43 -6.13
C SER A 462 13.70 1.96 -5.40
N SER A 463 13.54 2.31 -4.13
CA SER A 463 14.66 2.83 -3.36
C SER A 463 14.32 2.77 -1.86
N ILE A 464 15.35 2.95 -1.03
CA ILE A 464 15.24 2.94 0.42
C ILE A 464 15.72 4.27 0.97
N THR A 465 15.05 4.76 2.01
CA THR A 465 15.42 6.00 2.69
C THR A 465 15.41 5.76 4.20
N LEU A 466 16.45 6.27 4.87
CA LEU A 466 16.56 6.19 6.32
C LEU A 466 15.79 7.35 6.95
N TYR A 467 14.85 7.02 7.83
CA TYR A 467 14.02 8.02 8.47
C TYR A 467 14.41 8.17 9.94
N GLY A 468 14.10 9.34 10.50
CA GLY A 468 14.47 9.63 11.87
C GLY A 468 15.98 9.50 12.05
N ASP A 469 16.37 8.77 13.09
CA ASP A 469 17.76 8.34 13.24
C ASP A 469 17.97 6.90 12.77
N GLU A 470 16.94 6.05 12.86
CA GLU A 470 17.09 4.64 12.50
C GLU A 470 15.84 4.07 11.86
N ILE A 471 14.81 4.87 11.59
CA ILE A 471 13.59 4.36 10.99
C ILE A 471 13.84 4.02 9.53
N ILE A 472 13.26 2.91 9.09
CA ILE A 472 13.42 2.41 7.72
C ILE A 472 12.21 2.82 6.90
N LEU A 473 12.45 3.22 5.65
CA LEU A 473 11.38 3.64 4.76
C LEU A 473 11.71 3.19 3.34
N VAL A 474 10.70 2.70 2.64
CA VAL A 474 10.84 2.23 1.26
C VAL A 474 9.89 3.03 0.38
N ASN A 475 10.44 3.71 -0.62
CA ASN A 475 9.62 4.45 -1.57
C ASN A 475 9.08 3.51 -2.64
N CYS A 476 7.77 3.50 -2.80
CA CYS A 476 7.13 2.66 -3.81
C CYS A 476 7.12 3.35 -5.16
N PHE A 477 6.71 2.60 -6.18
CA PHE A 477 6.66 3.14 -7.54
C PHE A 477 5.65 4.29 -7.64
N GLN A 478 4.37 3.97 -7.54
CA GLN A 478 3.34 4.97 -7.71
C GLN A 478 3.50 6.09 -6.68
N PRO A 479 3.21 7.33 -7.04
CA PRO A 479 3.36 8.45 -6.09
C PRO A 479 2.47 8.27 -4.87
N TYR A 480 2.88 8.94 -3.79
CA TYR A 480 2.18 8.94 -2.51
C TYR A 480 2.07 7.54 -1.90
N ASN A 481 2.90 6.60 -2.35
CA ASN A 481 2.92 5.24 -1.85
C ASN A 481 4.29 4.95 -1.26
N HIS A 482 4.31 4.53 0.01
CA HIS A 482 5.55 4.19 0.70
C HIS A 482 5.25 3.07 1.68
N SER A 483 6.32 2.50 2.23
CA SER A 483 6.21 1.39 3.17
C SER A 483 7.27 1.51 4.24
N LEU A 484 6.86 1.56 5.50
CA LEU A 484 7.77 1.56 6.64
C LEU A 484 7.83 0.16 7.23
N TYR A 485 9.04 -0.37 7.37
CA TYR A 485 9.26 -1.66 8.01
C TYR A 485 9.57 -1.42 9.47
N LYS A 486 8.58 -1.67 10.34
CA LYS A 486 8.66 -1.33 11.74
C LYS A 486 9.26 -2.47 12.56
N LEU A 487 10.01 -2.11 13.60
CA LEU A 487 10.51 -3.10 14.54
C LEU A 487 9.35 -3.73 15.30
N ASN A 488 9.34 -5.05 15.35
CA ASN A 488 8.25 -5.79 16.00
C ASN A 488 8.49 -5.89 17.51
N THR A 489 7.41 -5.77 18.27
CA THR A 489 7.46 -6.04 19.69
C THR A 489 7.48 -7.55 19.94
N THR A 490 7.59 -7.93 21.21
CA THR A 490 7.59 -9.35 21.56
C THR A 490 6.28 -10.01 21.13
N VAL A 491 5.16 -9.30 21.29
CA VAL A 491 3.87 -9.83 20.86
C VAL A 491 3.86 -10.02 19.35
N GLU A 492 4.34 -9.03 18.61
CA GLU A 492 4.31 -9.11 17.16
C GLU A 492 5.30 -10.15 16.64
N ASN A 493 6.45 -10.28 17.29
CA ASN A 493 7.38 -11.35 16.93
C ASN A 493 6.76 -12.72 17.19
N TRP A 494 6.05 -12.88 18.31
CA TRP A 494 5.36 -14.13 18.57
C TRP A 494 4.29 -14.39 17.52
N PHE A 495 3.59 -13.35 17.07
CA PHE A 495 2.53 -13.53 16.09
C PHE A 495 3.08 -13.94 14.73
N TYR A 496 4.06 -13.19 14.21
CA TYR A 496 4.53 -13.44 12.85
C TYR A 496 5.32 -14.74 12.75
N ASN A 497 6.02 -15.13 13.81
CA ASN A 497 6.86 -16.33 13.76
C ASN A 497 6.28 -17.43 14.64
N MET A 498 5.06 -17.87 14.33
CA MET A 498 4.42 -18.91 15.14
C MET A 498 5.13 -20.24 14.99
N HIS A 499 5.57 -20.57 13.77
CA HIS A 499 6.08 -21.90 13.48
C HIS A 499 7.49 -22.13 14.00
N SER A 500 8.24 -21.07 14.30
CA SER A 500 9.58 -21.25 14.81
C SER A 500 9.54 -21.66 16.29
N GLU A 501 10.66 -22.18 16.77
CA GLU A 501 10.77 -22.63 18.15
C GLU A 501 11.33 -21.53 19.03
N GLU A 506 7.97 -19.60 27.74
CA GLU A 506 6.84 -20.40 28.21
C GLU A 506 5.51 -19.87 27.70
N LEU A 507 5.34 -18.55 27.74
CA LEU A 507 4.11 -17.95 27.23
C LEU A 507 3.96 -18.17 25.72
N PHE A 508 5.07 -18.19 24.99
CA PHE A 508 5.02 -18.43 23.56
C PHE A 508 4.39 -19.78 23.25
N LYS A 509 4.76 -20.81 24.00
CA LYS A 509 4.19 -22.14 23.75
C LYS A 509 2.70 -22.18 24.08
N TYR A 510 2.29 -21.49 25.15
CA TYR A 510 0.87 -21.43 25.48
C TYR A 510 0.08 -20.75 24.38
N LEU A 511 0.57 -19.61 23.88
CA LEU A 511 -0.11 -18.95 22.77
C LEU A 511 -0.13 -19.83 21.53
N ARG A 512 0.95 -20.59 21.31
CA ARG A 512 1.01 -21.49 20.16
C ARG A 512 -0.05 -22.57 20.25
N THR A 513 -0.23 -23.16 21.44
CA THR A 513 -1.28 -24.17 21.61
C THR A 513 -2.66 -23.55 21.43
N LEU A 514 -2.87 -22.35 21.98
CA LEU A 514 -4.16 -21.68 21.84
C LEU A 514 -4.49 -21.45 20.37
N ASN A 515 -3.52 -20.99 19.59
CA ASN A 515 -3.77 -20.78 18.17
C ASN A 515 -3.93 -22.10 17.43
N GLY A 516 -3.18 -23.13 17.86
CA GLY A 516 -3.33 -24.44 17.24
C GLY A 516 -4.72 -25.01 17.38
N PHE A 517 -5.40 -24.71 18.48
CA PHE A 517 -6.81 -25.09 18.55
C PHE A 517 -7.70 -24.10 17.81
N ALA A 518 -7.47 -22.79 17.98
CA ALA A 518 -8.38 -21.79 17.45
C ALA A 518 -8.42 -21.78 15.93
N SER A 519 -7.37 -22.26 15.27
CA SER A 519 -7.37 -22.30 13.81
C SER A 519 -8.41 -23.27 13.26
N THR A 520 -8.81 -24.27 14.04
CA THR A 520 -9.77 -25.26 13.59
C THR A 520 -11.19 -24.71 13.53
N LEU A 521 -11.43 -23.50 14.02
CA LEU A 521 -12.76 -22.90 14.03
C LEU A 521 -12.94 -21.99 12.82
N SER A 522 -14.10 -22.09 12.18
CA SER A 522 -14.42 -21.19 11.09
C SER A 522 -14.61 -19.78 11.62
N ASN A 523 -14.55 -18.81 10.71
CA ASN A 523 -14.69 -17.41 11.11
C ASN A 523 -16.09 -17.12 11.65
N ASP A 524 -17.09 -17.87 11.22
CA ASP A 524 -18.44 -17.67 11.73
C ASP A 524 -18.51 -17.95 13.23
N VAL A 525 -17.89 -19.05 13.67
CA VAL A 525 -17.90 -19.39 15.08
C VAL A 525 -17.13 -18.35 15.89
N LEU A 526 -16.00 -17.89 15.37
CA LEU A 526 -15.22 -16.87 16.07
C LEU A 526 -16.02 -15.57 16.21
N ARG A 527 -16.72 -15.17 15.13
CA ARG A 527 -17.52 -13.96 15.20
C ARG A 527 -18.68 -14.11 16.17
N SER A 528 -19.32 -15.28 16.19
CA SER A 528 -20.41 -15.50 17.13
C SER A 528 -19.90 -15.47 18.57
N ILE A 529 -18.73 -16.05 18.82
CA ILE A 529 -18.15 -16.04 20.16
C ILE A 529 -17.80 -14.61 20.58
N SER A 530 -17.24 -13.83 19.65
CA SER A 530 -16.92 -12.44 19.95
C SER A 530 -18.18 -11.63 20.24
N LYS A 531 -19.25 -11.88 19.48
CA LYS A 531 -20.50 -11.19 19.73
C LYS A 531 -21.11 -11.60 21.07
N LYS A 532 -20.93 -12.86 21.47
CA LYS A 532 -21.38 -13.28 22.79
C LYS A 532 -20.60 -12.56 23.89
N PHE A 533 -19.29 -12.38 23.68
CA PHE A 533 -18.50 -11.61 24.66
C PHE A 533 -18.98 -10.15 24.72
N LEU A 534 -19.28 -9.57 23.55
CA LEU A 534 -19.81 -8.21 23.53
C LEU A 534 -21.14 -8.13 24.26
N ASP A 535 -21.99 -9.16 24.12
CA ASP A 535 -23.24 -9.20 24.86
C ASP A 535 -22.99 -9.30 26.36
N ILE A 536 -21.96 -10.06 26.76
CA ILE A 536 -21.60 -10.15 28.16
C ILE A 536 -21.23 -8.78 28.70
N ILE A 537 -20.39 -8.05 27.97
CA ILE A 537 -19.91 -6.76 28.47
C ILE A 537 -21.03 -5.73 28.48
N THR A 538 -21.80 -5.65 27.39
CA THR A 538 -22.84 -4.62 27.29
C THR A 538 -24.00 -4.90 28.24
N GLY A 539 -24.26 -6.16 28.55
CA GLY A 539 -25.41 -6.54 29.34
C GLY A 539 -26.52 -7.20 28.56
N GLU A 540 -26.32 -7.44 27.27
CA GLU A 540 -27.33 -8.16 26.49
C GLU A 540 -27.46 -9.59 26.98
N LEU A 541 -26.35 -10.22 27.38
CA LEU A 541 -26.49 -11.43 28.17
C LEU A 541 -26.68 -11.07 29.64
N PRO A 542 -27.54 -11.79 30.36
CA PRO A 542 -27.94 -11.35 31.70
C PRO A 542 -26.77 -11.31 32.66
N ASP A 543 -26.77 -10.29 33.54
CA ASP A 543 -25.72 -10.16 34.54
C ASP A 543 -25.98 -11.03 35.76
N SER A 544 -27.24 -11.33 36.06
CA SER A 544 -27.56 -12.29 37.11
C SER A 544 -27.02 -13.68 36.79
N MET A 545 -26.75 -13.96 35.52
CA MET A 545 -26.11 -15.21 35.15
C MET A 545 -24.68 -15.25 35.68
N THR A 546 -24.33 -16.35 36.33
CA THR A 546 -22.95 -16.55 36.71
C THR A 546 -22.08 -16.63 35.46
N THR A 547 -20.81 -16.20 35.59
CA THR A 547 -19.88 -16.28 34.47
C THR A 547 -19.81 -17.70 33.92
N VAL A 548 -19.88 -18.70 34.81
CA VAL A 548 -19.94 -20.09 34.37
C VAL A 548 -21.20 -20.35 33.57
N GLU A 549 -22.34 -19.80 34.02
CA GLU A 549 -23.57 -19.93 33.26
C GLU A 549 -23.47 -19.23 31.91
N LYS A 550 -22.87 -18.02 31.90
CA LYS A 550 -22.65 -17.31 30.65
C LYS A 550 -21.85 -18.17 29.66
N PHE A 551 -20.78 -18.81 30.15
CA PHE A 551 -19.93 -19.58 29.24
C PHE A 551 -20.58 -20.89 28.81
N THR A 552 -21.37 -21.52 29.70
CA THR A 552 -22.16 -22.68 29.27
C THR A 552 -23.13 -22.29 28.17
N ASP A 553 -23.78 -21.13 28.30
CA ASP A 553 -24.70 -20.69 27.25
C ASP A 553 -23.97 -20.37 25.96
N ILE A 554 -22.80 -19.73 26.07
CA ILE A 554 -22.02 -19.41 24.87
C ILE A 554 -21.60 -20.69 24.15
N PHE A 555 -21.21 -21.71 24.91
CA PHE A 555 -20.86 -23.00 24.31
C PHE A 555 -22.09 -23.62 23.65
N LYS A 556 -23.20 -23.72 24.38
CA LYS A 556 -24.40 -24.37 23.87
C LYS A 556 -25.10 -23.58 22.77
N ASN A 557 -24.64 -22.35 22.48
CA ASN A 557 -25.17 -21.59 21.35
C ASN A 557 -24.21 -21.45 20.19
N CYS A 558 -22.90 -21.49 20.43
CA CYS A 558 -21.91 -21.29 19.38
C CYS A 558 -20.97 -22.47 19.21
N LEU A 559 -20.35 -22.94 20.30
CA LEU A 559 -19.43 -24.06 20.25
C LEU A 559 -20.12 -25.41 20.37
N GLU A 560 -21.45 -25.43 20.55
CA GLU A 560 -22.17 -26.69 20.61
C GLU A 560 -22.07 -27.46 19.31
N ASN A 561 -21.85 -26.75 18.20
CA ASN A 561 -21.68 -27.39 16.90
C ASN A 561 -20.44 -28.29 16.92
N GLN A 562 -20.26 -29.03 15.82
CA GLN A 562 -19.21 -30.02 15.77
C GLN A 562 -17.85 -29.32 15.62
N PHE A 563 -17.04 -29.42 16.65
CA PHE A 563 -15.61 -29.17 16.56
C PHE A 563 -14.90 -30.48 16.85
N GLU A 564 -13.79 -30.73 16.15
CA GLU A 564 -13.09 -32.00 16.29
C GLU A 564 -12.74 -32.27 17.75
N ILE A 565 -13.39 -33.28 18.32
CA ILE A 565 -13.19 -33.59 19.75
C ILE A 565 -11.74 -33.97 20.03
N THR A 566 -11.07 -34.56 19.04
CA THR A 566 -9.64 -34.85 19.19
C THR A 566 -8.82 -33.57 19.34
N ASN A 567 -9.22 -32.49 18.64
CA ASN A 567 -8.54 -31.21 18.83
C ASN A 567 -8.74 -30.69 20.25
N LEU A 568 -9.95 -30.86 20.80
CA LEU A 568 -10.18 -30.48 22.19
C LEU A 568 -9.33 -31.30 23.15
N LYS A 569 -9.20 -32.60 22.88
CA LYS A 569 -8.34 -33.45 23.69
C LYS A 569 -6.90 -32.96 23.65
N ILE A 570 -6.39 -32.68 22.45
CA ILE A 570 -5.02 -32.18 22.30
C ILE A 570 -4.85 -30.87 23.06
N LEU A 571 -5.82 -29.96 22.92
CA LEU A 571 -5.72 -28.65 23.57
C LEU A 571 -5.70 -28.79 25.09
N PHE A 572 -6.59 -29.62 25.64
CA PHE A 572 -6.64 -29.80 27.09
C PHE A 572 -5.34 -30.45 27.59
N ASP A 573 -4.85 -31.47 26.89
CA ASP A 573 -3.63 -32.13 27.35
C ASP A 573 -2.43 -31.20 27.27
N GLU A 574 -2.38 -30.33 26.25
CA GLU A 574 -1.26 -29.40 26.16
C GLU A 574 -1.38 -28.29 27.20
N LEU A 575 -2.61 -27.85 27.50
CA LEU A 575 -2.80 -26.84 28.53
C LEU A 575 -2.48 -27.36 29.92
N ASN A 576 -2.65 -28.66 30.15
CA ASN A 576 -2.28 -29.23 31.45
C ASN A 576 -0.79 -29.13 31.72
N SER A 577 0.03 -28.87 30.69
CA SER A 577 1.48 -28.82 30.88
C SER A 577 1.96 -27.45 31.36
N PHE A 578 1.14 -26.42 31.26
CA PHE A 578 1.55 -25.06 31.57
C PHE A 578 1.10 -24.66 32.97
N ASP A 579 1.79 -23.66 33.52
CA ASP A 579 1.35 -22.95 34.72
C ASP A 579 0.46 -21.81 34.22
N ILE A 580 -0.85 -22.09 34.12
CA ILE A 580 -1.75 -21.19 33.41
C ILE A 580 -1.85 -19.81 34.07
N PRO A 581 -2.04 -19.68 35.39
CA PRO A 581 -2.17 -18.32 35.95
C PRO A 581 -0.94 -17.46 35.79
N VAL A 582 0.26 -18.05 35.87
CA VAL A 582 1.49 -17.28 35.75
C VAL A 582 1.61 -16.69 34.34
N VAL A 583 1.44 -17.52 33.31
CA VAL A 583 1.53 -17.02 31.95
C VAL A 583 0.37 -16.08 31.64
N LEU A 584 -0.79 -16.28 32.26
CA LEU A 584 -1.91 -15.35 32.07
C LEU A 584 -1.56 -13.97 32.61
N ASN A 585 -0.99 -13.91 33.82
CA ASN A 585 -0.55 -12.64 34.36
C ASN A 585 0.53 -12.02 33.49
N ASP A 586 1.46 -12.84 32.99
CA ASP A 586 2.51 -12.33 32.10
C ASP A 586 1.91 -11.72 30.84
N LEU A 587 0.83 -12.31 30.33
CA LEU A 587 0.18 -11.79 29.13
C LEU A 587 -0.60 -10.50 29.43
N ILE A 588 -1.27 -10.45 30.58
CA ILE A 588 -2.22 -9.38 30.84
C ILE A 588 -1.55 -8.14 31.41
N ASN A 589 -0.74 -8.30 32.45
CA ASN A 589 -0.27 -7.14 33.21
C ASN A 589 1.04 -6.56 32.71
N ASN A 590 1.87 -7.34 32.02
CA ASN A 590 3.14 -6.86 31.50
C ASN A 590 3.18 -6.75 29.99
N GLN A 591 2.64 -7.74 29.27
CA GLN A 591 2.82 -7.78 27.82
C GLN A 591 1.79 -6.91 27.10
N MET A 592 0.53 -6.97 27.54
CA MET A 592 -0.57 -6.25 26.88
C MET A 592 -0.83 -4.89 27.51
N LYS A 593 -1.27 -4.87 28.79
CA LYS A 593 -1.59 -3.60 29.45
C LYS A 593 -0.31 -2.98 30.02
N PRO A 594 0.00 -1.72 29.67
CA PRO A 594 1.21 -1.01 30.13
C PRO A 594 1.31 -0.91 31.65
N LYS A 607 4.85 21.80 12.01
CA LYS A 607 4.85 20.37 12.26
C LYS A 607 3.43 19.80 12.23
N PHE A 608 2.90 19.62 11.04
CA PHE A 608 1.58 19.02 10.86
C PHE A 608 1.72 17.56 10.49
N ASP A 609 0.91 16.71 11.12
CA ASP A 609 0.97 15.27 10.89
C ASP A 609 -0.43 14.69 11.02
N GLY A 610 -0.92 14.09 9.95
CA GLY A 610 -0.15 13.99 8.71
C GLY A 610 0.54 12.66 8.56
N PHE A 611 1.87 12.69 8.41
CA PHE A 611 2.62 11.46 8.21
C PHE A 611 2.65 10.62 9.49
N THR A 612 2.82 11.27 10.65
CA THR A 612 2.75 10.53 11.91
C THR A 612 1.42 9.80 12.05
N SER A 613 0.34 10.39 11.53
CA SER A 613 -0.95 9.72 11.56
C SER A 613 -0.95 8.46 10.70
N ILE A 614 -0.44 8.56 9.47
CA ILE A 614 -0.51 7.46 8.51
C ILE A 614 0.24 6.24 9.02
N ILE A 615 1.30 6.44 9.80
CA ILE A 615 2.06 5.34 10.35
C ILE A 615 1.50 4.88 11.69
N SER A 616 1.14 5.83 12.55
CA SER A 616 0.68 5.51 13.90
C SER A 616 -0.62 4.73 13.86
N LEU A 617 -1.57 5.15 13.02
CA LEU A 617 -2.84 4.43 12.90
C LEU A 617 -2.61 2.98 12.50
N GLU A 618 -1.77 2.76 11.49
CA GLU A 618 -1.56 1.40 11.00
C GLU A 618 -0.83 0.54 12.01
N SER A 619 0.18 1.10 12.70
CA SER A 619 0.88 0.32 13.70
C SER A 619 -0.03 -0.02 14.88
N LEU A 620 -0.84 0.94 15.33
CA LEU A 620 -1.80 0.67 16.38
C LEU A 620 -2.81 -0.38 15.95
N HIS A 621 -3.26 -0.30 14.69
CA HIS A 621 -4.18 -1.30 14.16
C HIS A 621 -3.58 -2.70 14.21
N GLN A 622 -2.32 -2.82 13.79
CA GLN A 622 -1.63 -4.11 13.82
C GLN A 622 -1.54 -4.65 15.24
N LEU A 623 -1.03 -3.81 16.16
CA LEU A 623 -0.86 -4.24 17.54
C LEU A 623 -2.18 -4.68 18.16
N LEU A 624 -3.24 -3.88 17.96
CA LEU A 624 -4.52 -4.18 18.58
C LEU A 624 -5.23 -5.35 17.90
N SER A 625 -4.97 -5.60 16.61
CA SER A 625 -5.51 -6.80 15.98
C SER A 625 -4.86 -8.05 16.55
N ILE A 626 -3.54 -8.00 16.77
CA ILE A 626 -2.87 -9.14 17.41
C ILE A 626 -3.42 -9.36 18.82
N HIS A 627 -3.57 -8.26 19.57
CA HIS A 627 -4.18 -8.34 20.90
C HIS A 627 -5.57 -8.95 20.84
N TYR A 628 -6.36 -8.57 19.84
CA TYR A 628 -7.73 -9.06 19.71
C TYR A 628 -7.75 -10.56 19.45
N ARG A 629 -6.89 -11.03 18.55
CA ARG A 629 -6.83 -12.47 18.29
C ARG A 629 -6.44 -13.25 19.54
N ILE A 630 -5.41 -12.76 20.25
CA ILE A 630 -4.95 -13.47 21.45
C ILE A 630 -6.04 -13.49 22.51
N THR A 631 -6.74 -12.36 22.70
CA THR A 631 -7.79 -12.29 23.70
C THR A 631 -8.96 -13.20 23.34
N LEU A 632 -9.34 -13.22 22.06
CA LEU A 632 -10.38 -14.14 21.61
C LEU A 632 -10.00 -15.57 21.90
N GLN A 633 -8.75 -15.95 21.65
CA GLN A 633 -8.31 -17.32 21.91
C GLN A 633 -8.37 -17.64 23.40
N VAL A 634 -7.91 -16.72 24.26
CA VAL A 634 -7.89 -16.99 25.69
C VAL A 634 -9.31 -17.14 26.23
N LEU A 635 -10.20 -16.22 25.84
CA LEU A 635 -11.58 -16.34 26.29
C LEU A 635 -12.27 -17.58 25.70
N LEU A 636 -11.83 -18.02 24.51
CA LEU A 636 -12.30 -19.28 23.97
C LEU A 636 -11.88 -20.45 24.85
N THR A 637 -10.65 -20.42 25.35
CA THR A 637 -10.22 -21.42 26.31
C THR A 637 -11.10 -21.40 27.55
N PHE A 638 -11.44 -20.19 28.03
CA PHE A 638 -12.33 -20.08 29.18
C PHE A 638 -13.70 -20.71 28.90
N VAL A 639 -14.23 -20.48 27.70
CA VAL A 639 -15.56 -20.99 27.38
C VAL A 639 -15.52 -22.50 27.18
N LEU A 640 -14.43 -23.02 26.62
CA LEU A 640 -14.34 -24.45 26.32
C LEU A 640 -14.43 -25.29 27.59
N PHE A 641 -13.58 -25.01 28.57
CA PHE A 641 -13.64 -25.63 29.88
C PHE A 641 -13.95 -24.54 30.89
N ASP A 642 -15.12 -24.62 31.53
CA ASP A 642 -15.48 -23.64 32.54
C ASP A 642 -14.45 -23.60 33.65
N LEU A 643 -14.14 -22.40 34.11
CA LEU A 643 -13.19 -22.20 35.20
C LEU A 643 -13.88 -21.42 36.31
N ASP A 644 -13.35 -21.58 37.52
CA ASP A 644 -13.90 -20.88 38.68
C ASP A 644 -13.82 -19.37 38.47
N THR A 645 -14.94 -18.69 38.70
CA THR A 645 -14.94 -17.24 38.68
C THR A 645 -14.00 -16.67 39.73
N GLU A 646 -13.68 -17.44 40.76
CA GLU A 646 -12.80 -16.95 41.82
C GLU A 646 -11.36 -16.86 41.35
N ILE A 647 -10.86 -17.89 40.64
CA ILE A 647 -9.46 -17.93 40.24
C ILE A 647 -9.14 -16.78 39.30
N PHE A 648 -9.86 -16.69 38.19
CA PHE A 648 -9.59 -15.73 37.13
C PHE A 648 -10.63 -14.63 37.09
N GLY A 649 -11.11 -14.20 38.25
CA GLY A 649 -12.13 -13.16 38.33
C GLY A 649 -11.71 -11.84 37.72
N GLN A 650 -10.72 -11.18 38.34
CA GLN A 650 -10.16 -9.97 37.75
C GLN A 650 -9.58 -10.26 36.37
N HIS A 651 -9.02 -11.46 36.19
CA HIS A 651 -8.54 -11.87 34.87
C HIS A 651 -9.64 -11.79 33.83
N ILE A 652 -10.75 -12.52 34.05
CA ILE A 652 -11.82 -12.56 33.06
C ILE A 652 -12.46 -11.19 32.88
N SER A 653 -12.58 -10.42 33.97
CA SER A 653 -13.15 -9.08 33.87
C SER A 653 -12.32 -8.20 32.96
N THR A 654 -11.01 -8.11 33.24
CA THR A 654 -10.14 -7.31 32.38
C THR A 654 -10.07 -7.87 30.96
N LEU A 655 -10.21 -9.18 30.80
CA LEU A 655 -10.18 -9.77 29.46
C LEU A 655 -11.37 -9.32 28.64
N LEU A 656 -12.57 -9.43 29.22
CA LEU A 656 -13.77 -8.95 28.52
C LEU A 656 -13.67 -7.45 28.24
N ASP A 657 -13.15 -6.69 29.21
CA ASP A 657 -12.94 -5.26 29.04
C ASP A 657 -12.08 -4.96 27.80
N LEU A 658 -10.89 -5.56 27.76
CA LEU A 658 -9.96 -5.29 26.67
C LEU A 658 -10.47 -5.83 25.34
N HIS A 659 -11.19 -6.95 25.35
CA HIS A 659 -11.78 -7.47 24.11
C HIS A 659 -12.81 -6.50 23.56
N TYR A 660 -13.68 -5.98 24.43
CA TYR A 660 -14.64 -4.95 24.02
C TYR A 660 -13.92 -3.76 23.40
N LYS A 661 -12.88 -3.27 24.07
CA LYS A 661 -12.15 -2.10 23.56
C LYS A 661 -11.49 -2.39 22.21
N GLN A 662 -10.90 -3.57 22.06
CA GLN A 662 -10.24 -3.94 20.81
C GLN A 662 -11.24 -4.00 19.67
N PHE A 663 -12.39 -4.65 19.90
CA PHE A 663 -13.41 -4.72 18.85
C PHE A 663 -13.88 -3.32 18.46
N LEU A 664 -14.09 -2.45 19.46
CA LEU A 664 -14.57 -1.10 19.16
C LEU A 664 -13.54 -0.34 18.32
N LEU A 665 -12.26 -0.43 18.67
CA LEU A 665 -11.28 0.34 17.91
C LEU A 665 -11.05 -0.25 16.52
N LEU A 666 -11.17 -1.57 16.37
CA LEU A 666 -11.05 -2.14 15.02
C LEU A 666 -12.21 -1.71 14.14
N ASN A 667 -13.42 -1.68 14.70
CA ASN A 667 -14.56 -1.20 13.91
C ASN A 667 -14.43 0.28 13.58
N LEU A 668 -13.87 1.07 14.51
CA LEU A 668 -13.60 2.48 14.22
C LEU A 668 -12.49 2.65 13.20
N TYR A 669 -11.60 1.65 13.06
CA TYR A 669 -10.63 1.67 11.99
C TYR A 669 -11.26 1.29 10.65
N ARG A 670 -12.31 0.47 10.67
CA ARG A 670 -12.95 0.05 9.43
C ARG A 670 -13.51 1.24 8.63
N GLN A 671 -13.94 2.29 9.31
CA GLN A 671 -14.52 3.45 8.65
C GLN A 671 -13.93 4.74 9.21
N ASP A 672 -13.82 5.75 8.35
CA ASP A 672 -13.41 7.10 8.73
C ASP A 672 -12.09 7.07 9.50
N LYS A 673 -11.04 6.66 8.80
CA LYS A 673 -9.72 6.63 9.41
C LYS A 673 -9.19 8.04 9.70
N CYS A 674 -9.68 9.04 8.95
CA CYS A 674 -9.21 10.41 9.15
C CYS A 674 -9.59 10.93 10.54
N LEU A 675 -10.86 10.78 10.91
CA LEU A 675 -11.30 11.29 12.21
C LEU A 675 -10.76 10.44 13.36
N LEU A 676 -10.61 9.14 13.14
CA LEU A 676 -9.91 8.30 14.13
C LEU A 676 -8.52 8.83 14.38
N ALA A 677 -7.80 9.16 13.30
CA ALA A 677 -6.48 9.78 13.43
C ALA A 677 -6.55 11.08 14.21
N GLU A 678 -7.51 11.93 13.84
CA GLU A 678 -7.61 13.24 14.50
C GLU A 678 -7.82 13.09 16.00
N VAL A 679 -8.73 12.19 16.40
CA VAL A 679 -9.00 11.99 17.82
C VAL A 679 -7.78 11.41 18.53
N LEU A 680 -7.21 10.35 17.98
CA LEU A 680 -6.09 9.69 18.66
C LEU A 680 -4.85 10.58 18.72
N LEU A 681 -4.72 11.51 17.78
CA LEU A 681 -3.55 12.39 17.74
C LEU A 681 -3.78 13.69 18.50
N LYS A 682 -5.04 14.06 18.76
CA LYS A 682 -5.36 15.15 19.67
C LYS A 682 -5.38 14.74 21.13
N ASP A 683 -5.63 13.47 21.42
CA ASP A 683 -5.68 13.04 22.82
C ASP A 683 -4.29 12.95 23.43
N SER A 684 -3.30 12.51 22.65
CA SER A 684 -2.00 12.16 23.20
C SER A 684 -0.89 13.16 22.88
N SER A 685 -1.17 14.19 22.09
CA SER A 685 -0.16 15.17 21.69
C SER A 685 -0.40 16.50 22.39
N GLU A 686 0.69 17.18 22.75
CA GLU A 686 0.57 18.50 23.37
C GLU A 686 0.04 19.53 22.39
N PHE A 687 0.43 19.43 21.13
CA PHE A 687 -0.07 20.30 20.08
C PHE A 687 -1.16 19.64 19.25
N SER A 688 -1.68 18.50 19.69
CA SER A 688 -2.73 17.76 19.00
C SER A 688 -2.32 17.35 17.58
N PHE A 689 -1.03 17.34 17.28
CA PHE A 689 -0.54 16.99 15.95
C PHE A 689 0.39 15.79 15.93
N GLY A 690 0.78 15.24 17.07
CA GLY A 690 1.55 14.02 17.12
C GLY A 690 2.95 14.21 17.65
N VAL A 691 3.79 13.22 17.37
CA VAL A 691 5.18 13.18 17.80
C VAL A 691 6.05 12.90 16.59
N LYS A 692 7.26 13.46 16.60
CA LYS A 692 8.24 13.21 15.55
C LYS A 692 9.00 11.93 15.87
N PHE A 693 8.94 10.95 14.96
CA PHE A 693 9.59 9.67 15.16
C PHE A 693 11.07 9.80 14.82
N PHE A 694 11.93 9.65 15.83
CA PHE A 694 13.37 9.74 15.64
C PHE A 694 14.08 8.40 15.75
N ASN A 695 13.55 7.44 16.51
CA ASN A 695 14.18 6.14 16.62
C ASN A 695 13.10 5.08 16.82
N TYR A 696 13.51 3.82 16.68
CA TYR A 696 12.57 2.70 16.79
C TYR A 696 11.90 2.66 18.16
N GLY A 697 12.71 2.80 19.22
CA GLY A 697 12.15 2.80 20.57
C GLY A 697 11.13 3.89 20.78
N GLN A 698 11.37 5.07 20.19
CA GLN A 698 10.44 6.17 20.31
C GLN A 698 9.11 5.87 19.62
N LEU A 699 9.17 5.28 18.42
CA LEU A 699 7.96 4.91 17.70
C LEU A 699 7.16 3.87 18.47
N ILE A 700 7.84 2.83 18.98
CA ILE A 700 7.16 1.81 19.76
C ILE A 700 6.61 2.40 21.05
N ALA A 701 7.30 3.38 21.63
CA ALA A 701 6.80 4.03 22.84
C ALA A 701 5.53 4.82 22.57
N TYR A 702 5.47 5.51 21.42
CA TYR A 702 4.25 6.23 21.09
C TYR A 702 3.10 5.27 20.78
N ILE A 703 3.39 4.16 20.10
CA ILE A 703 2.36 3.16 19.87
C ILE A 703 1.84 2.59 21.18
N ASP A 704 2.74 2.33 22.13
CA ASP A 704 2.31 1.83 23.43
C ASP A 704 1.56 2.88 24.23
N SER A 705 1.89 4.16 24.05
CA SER A 705 1.13 5.22 24.70
C SER A 705 -0.29 5.29 24.16
N LEU A 706 -0.45 5.13 22.85
CA LEU A 706 -1.79 5.05 22.28
C LEU A 706 -2.53 3.83 22.80
N ASN A 707 -1.83 2.68 22.90
CA ASN A 707 -2.45 1.48 23.45
C ASN A 707 -2.88 1.70 24.90
N SER A 708 -2.11 2.47 25.66
CA SER A 708 -2.47 2.76 27.04
C SER A 708 -3.68 3.69 27.12
N ASN A 709 -3.70 4.72 26.27
CA ASN A 709 -4.88 5.58 26.21
C ASN A 709 -6.12 4.80 25.78
N VAL A 710 -5.94 3.72 25.03
CA VAL A 710 -7.07 2.87 24.65
C VAL A 710 -7.52 2.01 25.83
N TYR A 711 -6.58 1.32 26.48
CA TYR A 711 -6.93 0.33 27.49
C TYR A 711 -7.42 0.95 28.80
N ASN A 712 -7.25 2.26 29.00
CA ASN A 712 -7.64 2.90 30.24
C ASN A 712 -8.80 3.88 30.05
N ALA A 713 -9.48 3.83 28.91
CA ALA A 713 -10.60 4.73 28.66
C ALA A 713 -11.81 4.32 29.51
N SER A 714 -12.79 5.21 29.55
CA SER A 714 -14.00 5.00 30.35
C SER A 714 -15.04 4.24 29.52
N ILE A 715 -15.38 3.04 29.97
CA ILE A 715 -16.39 2.24 29.30
C ILE A 715 -17.78 2.80 29.61
N GLN B 1 -39.61 -15.65 -11.37
CA GLN B 1 -40.07 -15.52 -12.75
C GLN B 1 -40.58 -14.12 -13.02
N VAL B 2 -39.67 -13.15 -12.99
CA VAL B 2 -40.01 -11.75 -13.20
C VAL B 2 -40.27 -11.49 -14.68
N GLN B 3 -41.31 -10.70 -14.96
CA GLN B 3 -41.65 -10.30 -16.31
C GLN B 3 -41.02 -8.95 -16.65
N LEU B 4 -41.20 -8.52 -17.90
CA LEU B 4 -40.56 -7.32 -18.43
C LEU B 4 -41.37 -6.89 -19.66
N VAL B 5 -42.53 -6.28 -19.39
CA VAL B 5 -43.45 -5.83 -20.42
C VAL B 5 -43.01 -4.47 -20.91
N GLU B 6 -43.56 -4.03 -22.05
CA GLU B 6 -43.23 -2.75 -22.64
C GLU B 6 -44.30 -2.36 -23.66
N THR B 7 -44.56 -1.06 -23.75
CA THR B 7 -45.57 -0.50 -24.63
C THR B 7 -45.06 0.85 -25.14
N GLY B 8 -45.86 1.52 -25.96
CA GLY B 8 -45.54 2.82 -26.50
C GLY B 8 -45.15 2.84 -27.97
N GLY B 9 -44.88 1.68 -28.57
CA GLY B 9 -44.46 1.64 -29.94
C GLY B 9 -45.61 1.80 -30.92
N GLY B 10 -45.26 1.97 -32.19
CA GLY B 10 -46.25 2.13 -33.23
C GLY B 10 -45.61 2.62 -34.52
N LEU B 11 -46.46 3.11 -35.41
CA LEU B 11 -46.03 3.62 -36.72
C LEU B 11 -46.24 5.13 -36.75
N VAL B 12 -45.20 5.86 -37.16
CA VAL B 12 -45.23 7.31 -37.22
C VAL B 12 -44.46 7.77 -38.44
N ARG B 13 -44.77 8.97 -38.90
CA ARG B 13 -44.03 9.57 -40.00
C ARG B 13 -42.66 10.03 -39.52
N ALA B 14 -41.74 10.18 -40.46
CA ALA B 14 -40.38 10.60 -40.14
C ALA B 14 -40.38 11.99 -39.52
N GLY B 15 -39.64 12.14 -38.42
CA GLY B 15 -39.63 13.38 -37.67
C GLY B 15 -40.60 13.44 -36.51
N GLY B 16 -41.49 12.46 -36.40
CA GLY B 16 -42.45 12.43 -35.32
C GLY B 16 -41.80 12.07 -33.99
N SER B 17 -42.65 11.89 -32.99
CA SER B 17 -42.20 11.59 -31.63
C SER B 17 -42.96 10.40 -31.08
N LEU B 18 -42.24 9.52 -30.38
CA LEU B 18 -42.82 8.39 -29.67
C LEU B 18 -42.26 8.33 -28.26
N ARG B 19 -42.78 7.39 -27.48
CA ARG B 19 -42.39 7.25 -26.09
C ARG B 19 -42.51 5.78 -25.70
N LEU B 20 -41.37 5.11 -25.55
CA LEU B 20 -41.33 3.70 -25.15
C LEU B 20 -41.18 3.60 -23.64
N SER B 21 -41.89 2.63 -23.06
CA SER B 21 -41.86 2.39 -21.62
C SER B 21 -41.65 0.91 -21.38
N CYS B 22 -41.10 0.57 -20.20
CA CYS B 22 -40.81 -0.82 -19.86
C CYS B 22 -40.65 -0.93 -18.35
N VAL B 23 -41.41 -1.83 -17.73
CA VAL B 23 -41.44 -2.01 -16.28
C VAL B 23 -41.22 -3.48 -15.98
N ASP B 24 -40.91 -3.77 -14.70
CA ASP B 24 -40.72 -5.13 -14.23
C ASP B 24 -41.79 -5.49 -13.21
N SER B 25 -42.22 -6.75 -13.22
CA SER B 25 -43.19 -7.25 -12.27
C SER B 25 -42.54 -7.85 -11.02
N GLY B 26 -41.49 -8.64 -11.19
CA GLY B 26 -40.81 -9.25 -10.07
C GLY B 26 -39.87 -8.30 -9.36
N ARG B 27 -39.47 -8.72 -8.16
CA ARG B 27 -38.58 -7.91 -7.33
C ARG B 27 -37.17 -7.86 -7.91
N THR B 28 -36.51 -9.01 -7.98
CA THR B 28 -35.12 -9.12 -8.41
C THR B 28 -34.24 -8.20 -7.58
N PHE B 29 -33.67 -7.17 -8.20
CA PHE B 29 -32.74 -6.26 -7.53
C PHE B 29 -33.12 -4.81 -7.86
N ARG B 30 -32.47 -3.87 -7.20
CA ARG B 30 -32.55 -2.46 -7.57
C ARG B 30 -31.29 -2.06 -8.32
N VAL B 31 -30.87 -2.91 -9.25
CA VAL B 31 -29.48 -2.95 -9.70
C VAL B 31 -29.39 -3.12 -11.21
N TYR B 32 -29.74 -4.31 -11.67
CA TYR B 32 -29.84 -4.57 -13.10
C TYR B 32 -30.65 -3.46 -13.76
N THR B 33 -30.20 -3.04 -14.92
CA THR B 33 -30.86 -1.97 -15.66
C THR B 33 -31.71 -2.58 -16.76
N MET B 34 -32.01 -1.77 -17.78
CA MET B 34 -32.81 -2.21 -18.91
C MET B 34 -32.25 -1.51 -20.15
N GLY B 35 -31.41 -2.22 -20.90
CA GLY B 35 -30.86 -1.69 -22.13
C GLY B 35 -31.94 -1.60 -23.19
N TRP B 36 -32.07 -0.43 -23.81
CA TRP B 36 -33.07 -0.20 -24.86
C TRP B 36 -32.45 -0.50 -26.22
N PHE B 37 -32.11 -1.78 -26.40
CA PHE B 37 -31.51 -2.24 -27.64
C PHE B 37 -32.53 -2.19 -28.77
N ARG B 38 -32.03 -2.27 -30.01
CA ARG B 38 -32.89 -2.30 -31.18
C ARG B 38 -32.34 -3.32 -32.18
N GLN B 39 -33.22 -3.79 -33.06
CA GLN B 39 -32.84 -4.75 -34.09
C GLN B 39 -33.65 -4.47 -35.35
N ALA B 40 -32.96 -4.16 -36.44
CA ALA B 40 -33.67 -3.99 -37.70
C ALA B 40 -34.04 -5.36 -38.27
N PRO B 41 -35.12 -5.44 -39.07
CA PRO B 41 -35.49 -6.72 -39.69
C PRO B 41 -34.38 -7.26 -40.57
N GLY B 42 -33.75 -8.36 -40.13
CA GLY B 42 -32.64 -8.96 -40.82
C GLY B 42 -31.29 -8.66 -40.20
N LYS B 43 -31.14 -7.50 -39.58
CA LYS B 43 -29.89 -7.09 -38.96
C LYS B 43 -29.79 -7.66 -37.54
N GLU B 44 -28.67 -7.38 -36.88
CA GLU B 44 -28.44 -7.83 -35.52
C GLU B 44 -28.92 -6.78 -34.52
N ARG B 45 -29.19 -7.23 -33.31
CA ARG B 45 -29.55 -6.32 -32.23
C ARG B 45 -28.33 -5.46 -31.89
N GLU B 46 -28.54 -4.15 -31.82
CA GLU B 46 -27.43 -3.19 -31.83
C GLU B 46 -27.38 -2.39 -30.53
N PHE B 47 -26.17 -1.92 -30.22
CA PHE B 47 -25.87 -1.08 -29.04
C PHE B 47 -26.67 -1.46 -27.80
N ILE B 51 -29.07 2.83 -18.83
CA ILE B 51 -29.22 3.53 -17.56
C ILE B 51 -28.90 2.58 -16.40
N ARG B 52 -27.64 2.17 -16.32
CA ARG B 52 -27.24 1.17 -15.35
C ARG B 52 -27.01 1.78 -13.97
N TRP B 53 -27.48 1.06 -12.94
CA TRP B 53 -27.16 1.34 -11.55
C TRP B 53 -27.67 2.71 -11.13
N SER B 54 -28.97 2.90 -11.33
CA SER B 54 -29.72 4.05 -10.86
C SER B 54 -29.11 5.36 -11.38
N GLY B 55 -28.88 5.40 -12.69
CA GLY B 55 -28.43 6.62 -13.33
C GLY B 55 -27.06 7.10 -12.90
N ASP B 56 -26.23 6.23 -12.34
CA ASP B 56 -24.87 6.63 -12.00
C ASP B 56 -24.08 6.98 -13.26
N ARG B 57 -24.39 6.32 -14.37
CA ARG B 57 -23.80 6.63 -15.66
C ARG B 57 -24.77 6.23 -16.75
N THR B 58 -24.73 6.95 -17.87
CA THR B 58 -25.58 6.68 -19.02
C THR B 58 -24.73 6.57 -20.27
N TYR B 59 -25.18 5.75 -21.20
CA TYR B 59 -24.49 5.55 -22.47
C TYR B 59 -25.51 5.51 -23.60
N TYR B 60 -25.20 6.23 -24.68
CA TYR B 60 -26.06 6.31 -25.84
C TYR B 60 -25.31 5.86 -27.09
N GLY B 61 -26.06 5.33 -28.05
CA GLY B 61 -25.47 5.00 -29.32
C GLY B 61 -25.27 6.22 -30.20
N ASP B 62 -24.39 6.06 -31.18
CA ASP B 62 -24.07 7.12 -32.13
C ASP B 62 -25.21 7.48 -33.07
N PRO B 63 -26.04 6.53 -33.55
CA PRO B 63 -27.12 6.93 -34.47
C PRO B 63 -28.30 7.65 -33.82
N VAL B 64 -28.36 7.72 -32.49
CA VAL B 64 -29.50 8.30 -31.79
C VAL B 64 -29.10 9.37 -30.78
N GLN B 65 -27.82 9.70 -30.68
CA GLN B 65 -27.38 10.68 -29.68
C GLN B 65 -27.97 12.05 -29.99
N GLY B 66 -28.52 12.69 -28.96
CA GLY B 66 -29.22 13.95 -29.12
C GLY B 66 -30.64 13.84 -29.62
N ARG B 67 -31.02 12.68 -30.18
CA ARG B 67 -32.38 12.47 -30.66
C ARG B 67 -33.24 11.66 -29.70
N PHE B 68 -32.65 10.71 -28.98
CA PHE B 68 -33.39 9.89 -28.03
C PHE B 68 -32.99 10.27 -26.61
N THR B 69 -33.92 10.06 -25.67
CA THR B 69 -33.71 10.42 -24.28
C THR B 69 -34.23 9.29 -23.40
N ILE B 70 -33.33 8.65 -22.66
CA ILE B 70 -33.69 7.59 -21.72
C ILE B 70 -33.87 8.22 -20.35
N SER B 71 -34.72 7.59 -19.52
CA SER B 71 -34.99 8.11 -18.19
C SER B 71 -35.43 6.96 -17.29
N ARG B 72 -35.08 7.06 -16.01
CA ARG B 72 -35.41 6.05 -15.02
C ARG B 72 -36.06 6.71 -13.80
N ASP B 73 -36.92 5.93 -13.15
CA ASP B 73 -37.51 6.35 -11.88
C ASP B 73 -36.59 5.91 -10.73
N LYS B 74 -36.51 6.74 -9.70
CA LYS B 74 -35.61 6.48 -8.59
C LYS B 74 -36.04 5.23 -7.83
N GLY B 75 -35.12 4.29 -7.69
CA GLY B 75 -35.39 3.08 -6.92
C GLY B 75 -36.48 2.21 -7.51
N LYS B 76 -36.50 2.03 -8.83
CA LYS B 76 -37.52 1.23 -9.48
C LYS B 76 -36.95 0.62 -10.75
N ASN B 77 -37.65 -0.38 -11.26
CA ASN B 77 -37.24 -1.06 -12.49
C ASN B 77 -38.12 -0.57 -13.65
N THR B 78 -37.97 0.72 -13.96
CA THR B 78 -38.73 1.36 -15.03
C THR B 78 -37.76 2.12 -15.92
N VAL B 79 -37.92 1.96 -17.24
CA VAL B 79 -37.06 2.64 -18.21
C VAL B 79 -37.94 3.22 -19.31
N TYR B 80 -37.83 4.52 -19.54
CA TYR B 80 -38.53 5.20 -20.61
C TYR B 80 -37.53 5.60 -21.70
N LEU B 81 -38.05 5.86 -22.90
CA LEU B 81 -37.19 6.25 -24.02
C LEU B 81 -37.98 7.21 -24.90
N GLN B 82 -37.81 8.51 -24.67
CA GLN B 82 -38.41 9.53 -25.50
C GLN B 82 -37.65 9.61 -26.83
N MET B 83 -38.33 9.26 -27.92
CA MET B 83 -37.69 9.15 -29.23
C MET B 83 -38.15 10.33 -30.09
N ASN B 84 -37.41 11.43 -30.01
CA ASN B 84 -37.68 12.61 -30.81
C ASN B 84 -36.93 12.53 -32.13
N SER B 85 -37.53 13.12 -33.18
CA SER B 85 -36.94 13.19 -34.51
C SER B 85 -36.62 11.78 -35.04
N LEU B 86 -37.70 11.05 -35.29
CA LEU B 86 -37.59 9.69 -35.81
C LEU B 86 -37.36 9.71 -37.31
N LYS B 87 -36.60 8.73 -37.79
CA LYS B 87 -36.21 8.62 -39.19
C LYS B 87 -36.38 7.18 -39.63
N PRO B 88 -36.44 6.93 -40.94
CA PRO B 88 -36.56 5.54 -41.42
C PRO B 88 -35.44 4.64 -40.96
N GLU B 89 -34.29 5.19 -40.56
CA GLU B 89 -33.22 4.37 -40.00
C GLU B 89 -33.56 3.83 -38.63
N ASP B 90 -34.49 4.48 -37.91
CA ASP B 90 -34.92 4.00 -36.61
C ASP B 90 -35.95 2.88 -36.71
N THR B 91 -36.40 2.54 -37.92
CA THR B 91 -37.35 1.45 -38.11
C THR B 91 -36.69 0.12 -37.74
N ALA B 92 -37.15 -0.49 -36.66
CA ALA B 92 -36.54 -1.71 -36.11
C ALA B 92 -37.51 -2.30 -35.08
N VAL B 93 -37.05 -3.30 -34.34
CA VAL B 93 -37.75 -3.81 -33.17
C VAL B 93 -36.85 -3.59 -31.95
N TYR B 94 -37.39 -2.96 -30.92
CA TYR B 94 -36.62 -2.58 -29.74
C TYR B 94 -36.92 -3.53 -28.59
N TYR B 95 -35.94 -3.66 -27.69
CA TYR B 95 -36.03 -4.60 -26.59
C TYR B 95 -35.56 -3.95 -25.29
N CYS B 96 -36.22 -4.31 -24.20
CA CYS B 96 -35.70 -4.02 -22.87
C CYS B 96 -34.57 -5.01 -22.56
N ALA B 97 -34.05 -4.96 -21.33
CA ALA B 97 -32.98 -5.87 -20.94
C ALA B 97 -32.93 -5.96 -19.42
N ALA B 98 -32.07 -6.86 -18.93
CA ALA B 98 -31.95 -7.16 -17.49
C ALA B 98 -30.77 -8.09 -17.24
N PRO B 99 -29.64 -7.61 -16.68
CA PRO B 99 -28.45 -8.46 -16.58
C PRO B 99 -28.50 -9.53 -15.49
N ALA B 100 -27.45 -10.36 -15.51
CA ALA B 100 -27.21 -11.37 -14.49
C ALA B 100 -25.71 -11.50 -14.30
N GLY B 101 -25.21 -11.08 -13.14
CA GLY B 101 -23.78 -11.05 -12.91
C GLY B 101 -23.14 -9.85 -13.58
N GLY B 102 -21.83 -9.94 -13.77
CA GLY B 102 -21.07 -8.89 -14.42
C GLY B 102 -21.52 -8.70 -15.86
N GLY B 103 -21.78 -7.44 -16.23
CA GLY B 103 -22.35 -7.14 -17.53
C GLY B 103 -21.52 -6.10 -18.29
N VAL B 104 -22.04 -5.74 -19.45
CA VAL B 104 -21.39 -4.79 -20.35
C VAL B 104 -22.45 -4.14 -21.23
N VAL B 105 -22.31 -2.83 -21.44
CA VAL B 105 -23.31 -2.08 -22.21
C VAL B 105 -23.13 -2.18 -23.72
N TYR B 106 -22.13 -2.91 -24.19
CA TYR B 106 -21.80 -2.94 -25.61
C TYR B 106 -21.82 -4.35 -26.19
N ASP B 107 -22.57 -5.26 -25.60
CA ASP B 107 -22.56 -6.65 -26.05
C ASP B 107 -23.97 -7.20 -26.03
N ASP B 108 -24.12 -8.38 -26.65
CA ASP B 108 -25.35 -9.16 -26.59
C ASP B 108 -25.35 -10.16 -25.46
N HIS B 109 -24.38 -10.05 -24.54
CA HIS B 109 -24.32 -10.87 -23.33
C HIS B 109 -25.05 -10.24 -22.17
N LYS B 110 -25.68 -9.09 -22.39
CA LYS B 110 -26.03 -8.21 -21.28
C LYS B 110 -27.11 -8.81 -20.38
N ALA B 111 -28.11 -9.49 -20.94
CA ALA B 111 -29.38 -9.71 -20.27
C ALA B 111 -29.54 -11.11 -19.68
N TYR B 112 -30.17 -11.16 -18.50
CA TYR B 112 -30.79 -12.38 -17.99
C TYR B 112 -32.16 -12.60 -18.60
N ALA B 113 -32.90 -11.53 -18.85
CA ALA B 113 -34.21 -11.63 -19.49
C ALA B 113 -34.54 -10.31 -20.17
N TYR B 114 -34.90 -10.37 -21.46
CA TYR B 114 -35.39 -9.20 -22.18
C TYR B 114 -36.84 -9.39 -22.56
N TRP B 115 -37.06 -10.10 -23.67
CA TRP B 115 -38.38 -10.43 -24.21
C TRP B 115 -39.16 -9.15 -24.50
N GLY B 116 -40.48 -9.22 -24.59
CA GLY B 116 -41.25 -7.99 -24.86
C GLY B 116 -40.99 -7.38 -26.22
N GLN B 117 -40.78 -8.21 -27.24
CA GLN B 117 -40.50 -7.69 -28.57
C GLN B 117 -41.68 -6.86 -29.09
N GLY B 118 -41.36 -5.85 -29.89
CA GLY B 118 -42.36 -4.94 -30.42
C GLY B 118 -41.94 -4.32 -31.73
N THR B 119 -42.76 -4.51 -32.76
CA THR B 119 -42.46 -4.02 -34.09
C THR B 119 -42.95 -2.59 -34.29
N GLN B 120 -42.18 -1.82 -35.04
CA GLN B 120 -42.50 -0.43 -35.35
C GLN B 120 -41.91 -0.07 -36.72
N VAL B 121 -42.52 0.92 -37.36
CA VAL B 121 -42.09 1.39 -38.67
C VAL B 121 -42.15 2.90 -38.72
N THR B 122 -41.55 3.47 -39.77
CA THR B 122 -41.52 4.92 -39.97
C THR B 122 -41.56 5.19 -41.47
N VAL B 123 -42.48 6.06 -41.88
CA VAL B 123 -42.60 6.50 -43.26
C VAL B 123 -42.22 7.97 -43.38
N SER B 124 -42.18 8.46 -44.60
CA SER B 124 -41.82 9.86 -44.84
C SER B 124 -42.96 10.55 -45.59
#